data_4LCY
#
_entry.id   4LCY
#
_cell.length_a   49.950
_cell.length_b   89.730
_cell.length_c   94.620
_cell.angle_alpha   90.00
_cell.angle_beta   98.45
_cell.angle_gamma   90.00
#
_symmetry.space_group_name_H-M   'P 1 21 1'
#
loop_
_entity.id
_entity.type
_entity.pdbx_description
1 polymer 'HLA class I histocompatibility antigen, B-46 alpha chain'
2 polymer Beta-2-microglobulin
3 polymer 'dengue1 poly peptide'
4 non-polymer 'SODIUM ION'
5 water water
#
loop_
_entity_poly.entity_id
_entity_poly.type
_entity_poly.pdbx_seq_one_letter_code
_entity_poly.pdbx_strand_id
1 'polypeptide(L)'
;GSHSMRYFYTAMSRPGRGEPRFIAVGYVDDTQFVRFDSDAASPRMAPRAPWIEQEGPEYWDRETQKYKRQAQTDRVSLRN
LRGYYNQSEAGSHTLQRMYGCDVGPDGRLLRGHDQSAYDGKDYIALNEDLSSWTAADTAAQITQRKWEAAREAEQWRAYL
EGLCVEWLRRYLENGKETLQRADPPKTHVTHHPISDHEATLRCWALGFYPAEITLTWQRDGEDQTQDTELVETRPAGDRT
FQKWAAVVVPSGEEQRYTCHVQHEGLPKPLTLRW
;
A,F
2 'polypeptide(L)'
;MIQRTPKIQVYSRHPAENGKSNFLNCYVSGFHPSDIEVDLLKNGERIEKVEHSDLSFSKDWSFYLLYYTEFTPTEKDEYA
CRVNHVTLSQPKIVKWDRDM
;
B,H
3 'polypeptide(L)' FTMRLLSPV C,J
#
loop_
_chem_comp.id
_chem_comp.type
_chem_comp.name
_chem_comp.formula
NA non-polymer 'SODIUM ION' 'Na 1'
#
# COMPACT_ATOMS: atom_id res chain seq x y z
N GLY A 1 8.75 -19.49 15.74
CA GLY A 1 9.61 -20.70 15.86
C GLY A 1 8.83 -22.00 15.80
N SER A 2 7.66 -22.00 16.45
CA SER A 2 6.80 -23.19 16.58
C SER A 2 5.84 -23.27 15.42
N HIS A 3 5.44 -24.50 15.10
CA HIS A 3 4.57 -24.74 13.95
C HIS A 3 3.58 -25.86 14.18
N SER A 4 2.58 -25.91 13.31
CA SER A 4 1.57 -26.98 13.39
C SER A 4 1.18 -27.49 12.02
N MET A 5 0.74 -28.75 11.99
CA MET A 5 0.04 -29.29 10.82
C MET A 5 -1.34 -29.68 11.31
N ARG A 6 -2.36 -29.33 10.53
CA ARG A 6 -3.72 -29.66 10.89
C ARG A 6 -4.55 -30.06 9.69
N TYR A 7 -5.32 -31.13 9.84
CA TYR A 7 -6.31 -31.55 8.89
C TYR A 7 -7.71 -31.32 9.44
N PHE A 8 -8.59 -30.95 8.52
CA PHE A 8 -9.98 -30.65 8.82
C PHE A 8 -10.83 -31.45 7.85
N TYR A 9 -11.59 -32.40 8.36
CA TYR A 9 -12.45 -33.26 7.55
C TYR A 9 -13.92 -32.92 7.82
N THR A 10 -14.72 -32.83 6.76
CA THR A 10 -16.17 -32.66 6.91
C THR A 10 -16.86 -33.71 6.04
N ALA A 11 -17.79 -34.45 6.62
CA ALA A 11 -18.60 -35.42 5.87
C ALA A 11 -20.06 -35.08 6.13
N MET A 12 -20.83 -34.98 5.04
CA MET A 12 -22.20 -34.44 5.13
C MET A 12 -23.11 -35.42 4.41
N SER A 13 -24.07 -36.01 5.10
CA SER A 13 -24.99 -36.93 4.45
C SER A 13 -26.05 -36.15 3.67
N ARG A 14 -26.64 -36.84 2.70
CA ARG A 14 -27.71 -36.31 1.91
C ARG A 14 -28.54 -37.51 1.49
N PRO A 15 -29.19 -38.19 2.47
CA PRO A 15 -29.88 -39.45 2.20
C PRO A 15 -30.85 -39.38 1.03
N GLY A 16 -30.78 -40.38 0.15
CA GLY A 16 -31.63 -40.45 -1.04
C GLY A 16 -31.15 -39.68 -2.25
N ARG A 17 -30.19 -38.76 -2.06
CA ARG A 17 -29.61 -37.99 -3.17
C ARG A 17 -28.31 -38.61 -3.64
N GLY A 18 -27.48 -39.03 -2.71
CA GLY A 18 -26.24 -39.69 -3.03
C GLY A 18 -25.56 -40.11 -1.76
N GLU A 19 -24.33 -40.61 -1.90
CA GLU A 19 -23.50 -40.96 -0.79
C GLU A 19 -23.09 -39.64 -0.11
N PRO A 20 -22.77 -39.67 1.18
CA PRO A 20 -22.27 -38.45 1.81
C PRO A 20 -21.07 -37.84 1.09
N ARG A 21 -21.03 -36.53 1.07
CA ARG A 21 -19.90 -35.77 0.55
C ARG A 21 -18.83 -35.74 1.61
N PHE A 22 -17.58 -35.96 1.20
CA PHE A 22 -16.42 -35.87 2.09
C PHE A 22 -15.45 -34.80 1.54
N ILE A 23 -15.15 -33.79 2.36
CA ILE A 23 -14.19 -32.77 1.99
C ILE A 23 -13.12 -32.73 3.06
N ALA A 24 -11.88 -32.61 2.65
CA ALA A 24 -10.78 -32.46 3.56
C ALA A 24 -9.92 -31.29 3.15
N VAL A 25 -9.44 -30.56 4.13
CA VAL A 25 -8.41 -29.56 3.85
C VAL A 25 -7.27 -29.69 4.85
N GLY A 26 -6.05 -29.44 4.39
CA GLY A 26 -4.89 -29.53 5.27
C GLY A 26 -4.14 -28.22 5.31
N TYR A 27 -3.62 -27.88 6.48
CA TYR A 27 -2.85 -26.65 6.73
C TYR A 27 -1.51 -26.90 7.41
N VAL A 28 -0.52 -26.10 7.07
CA VAL A 28 0.67 -25.90 7.92
C VAL A 28 0.54 -24.48 8.44
N ASP A 29 0.50 -24.31 9.74
CA ASP A 29 0.20 -23.02 10.35
C ASP A 29 -1.08 -22.47 9.69
N ASP A 30 -1.02 -21.25 9.16
CA ASP A 30 -2.20 -20.65 8.57
C ASP A 30 -2.22 -20.75 7.05
N THR A 31 -1.45 -21.66 6.48
CA THR A 31 -1.36 -21.88 5.06
C THR A 31 -1.99 -23.22 4.66
N GLN A 32 -3.04 -23.15 3.83
CA GLN A 32 -3.64 -24.35 3.31
C GLN A 32 -2.73 -24.90 2.26
N PHE A 33 -2.55 -26.21 2.25
CA PHE A 33 -1.69 -26.83 1.25
C PHE A 33 -2.35 -27.91 0.42
N VAL A 34 -3.54 -28.37 0.82
CA VAL A 34 -4.24 -29.42 0.07
C VAL A 34 -5.74 -29.38 0.33
N ARG A 35 -6.50 -29.79 -0.69
CA ARG A 35 -7.94 -30.03 -0.58
C ARG A 35 -8.26 -31.36 -1.23
N PHE A 36 -9.18 -32.10 -0.65
CA PHE A 36 -9.80 -33.26 -1.31
C PHE A 36 -11.30 -33.08 -1.23
N ASP A 37 -12.02 -33.30 -2.32
CA ASP A 37 -13.48 -33.20 -2.29
C ASP A 37 -14.04 -34.34 -3.10
N SER A 38 -14.82 -35.21 -2.47
CA SER A 38 -15.35 -36.35 -3.15
C SER A 38 -16.31 -35.94 -4.28
N ASP A 39 -16.83 -34.74 -4.22
CA ASP A 39 -17.79 -34.23 -5.24
C ASP A 39 -17.18 -33.41 -6.30
N ALA A 40 -15.90 -33.16 -6.21
CA ALA A 40 -15.25 -32.35 -7.25
C ALA A 40 -15.04 -33.16 -8.50
N ALA A 41 -14.82 -32.45 -9.60
CA ALA A 41 -14.81 -33.12 -10.88
C ALA A 41 -13.50 -33.75 -11.24
N SER A 42 -12.54 -32.95 -11.48
CA SER A 42 -11.30 -33.54 -11.91
C SER A 42 -10.32 -32.45 -11.84
N PRO A 43 -9.30 -32.53 -10.98
CA PRO A 43 -9.14 -33.68 -10.08
C PRO A 43 -9.72 -33.39 -8.69
N ARG A 44 -10.09 -34.45 -7.99
CA ARG A 44 -10.65 -34.38 -6.65
C ARG A 44 -9.69 -33.90 -5.54
N MET A 45 -8.41 -34.15 -5.66
CA MET A 45 -7.43 -33.62 -4.69
C MET A 45 -6.61 -32.53 -5.41
N ALA A 46 -6.51 -31.31 -4.87
CA ALA A 46 -5.78 -30.27 -5.52
C ALA A 46 -4.73 -29.73 -4.54
N PRO A 47 -3.60 -29.26 -5.09
CA PRO A 47 -2.62 -28.59 -4.27
C PRO A 47 -3.10 -27.17 -4.05
N ARG A 48 -2.75 -26.59 -2.92
CA ARG A 48 -3.16 -25.23 -2.61
C ARG A 48 -2.00 -24.32 -2.21
N ALA A 49 -0.78 -24.86 -2.24
CA ALA A 49 0.43 -24.06 -1.99
C ALA A 49 1.52 -24.58 -2.94
N PRO A 50 2.44 -23.69 -3.38
CA PRO A 50 3.40 -24.14 -4.39
C PRO A 50 4.39 -25.18 -3.93
N TRP A 51 4.79 -25.10 -2.67
CA TRP A 51 5.78 -26.02 -2.13
C TRP A 51 5.32 -27.49 -2.07
N ILE A 52 4.01 -27.72 -2.12
CA ILE A 52 3.47 -29.08 -2.13
C ILE A 52 3.51 -29.69 -3.54
N GLU A 53 3.45 -28.82 -4.55
CA GLU A 53 3.49 -29.24 -5.95
C GLU A 53 4.86 -29.79 -6.36
N GLN A 54 5.84 -29.62 -5.47
CA GLN A 54 7.15 -30.25 -5.56
C GLN A 54 7.14 -31.77 -5.31
N GLU A 55 6.12 -32.28 -4.61
CA GLU A 55 6.05 -33.72 -4.34
C GLU A 55 5.65 -34.49 -5.59
N GLY A 56 6.17 -35.71 -5.69
CA GLY A 56 5.94 -36.56 -6.85
C GLY A 56 4.71 -37.44 -6.81
N PRO A 57 4.47 -38.21 -7.88
CA PRO A 57 3.26 -38.98 -8.01
C PRO A 57 3.04 -40.03 -6.94
N GLU A 58 4.09 -40.65 -6.40
CA GLU A 58 3.86 -41.64 -5.34
C GLU A 58 3.24 -40.95 -4.15
N TYR A 59 3.70 -39.74 -3.85
CA TYR A 59 3.17 -39.04 -2.65
C TYR A 59 1.71 -38.72 -2.91
N TRP A 60 1.41 -38.20 -4.09
CA TRP A 60 0.04 -37.78 -4.39
C TRP A 60 -0.90 -38.96 -4.40
N ASP A 61 -0.50 -40.06 -5.02
CA ASP A 61 -1.37 -41.22 -5.07
C ASP A 61 -1.62 -41.81 -3.68
N ARG A 62 -0.59 -41.80 -2.85
CA ARG A 62 -0.70 -42.28 -1.48
C ARG A 62 -1.76 -41.47 -0.72
N GLU A 63 -1.69 -40.15 -0.84
CA GLU A 63 -2.67 -39.27 -0.19
C GLU A 63 -4.07 -39.51 -0.74
N THR A 64 -4.18 -39.58 -2.05
CA THR A 64 -5.47 -39.84 -2.71
C THR A 64 -6.13 -41.09 -2.11
N GLN A 65 -5.39 -42.16 -1.98
CA GLN A 65 -6.01 -43.40 -1.47
C GLN A 65 -6.44 -43.25 -0.01
N LYS A 66 -5.66 -42.53 0.81
CA LYS A 66 -6.04 -42.28 2.18
C LYS A 66 -7.36 -41.51 2.24
N TYR A 67 -7.50 -40.51 1.39
CA TYR A 67 -8.77 -39.75 1.33
C TYR A 67 -9.92 -40.68 0.92
N LYS A 68 -9.71 -41.51 -0.12
CA LYS A 68 -10.79 -42.38 -0.56
C LYS A 68 -11.20 -43.36 0.53
N ARG A 69 -10.23 -43.90 1.27
CA ARG A 69 -10.53 -44.83 2.37
C ARG A 69 -11.28 -44.08 3.47
N GLN A 70 -10.86 -42.85 3.79
CA GLN A 70 -11.53 -42.09 4.84
C GLN A 70 -12.97 -41.78 4.47
N ALA A 71 -13.21 -41.44 3.21
CA ALA A 71 -14.57 -41.12 2.78
C ALA A 71 -15.49 -42.30 3.02
N GLN A 72 -15.02 -43.50 2.70
CA GLN A 72 -15.80 -44.71 3.02
C GLN A 72 -16.00 -44.92 4.51
N THR A 73 -14.97 -44.69 5.31
CA THR A 73 -15.09 -44.82 6.74
C THR A 73 -16.09 -43.85 7.29
N ASP A 74 -16.05 -42.63 6.82
CA ASP A 74 -16.98 -41.61 7.29
C ASP A 74 -18.42 -41.97 6.92
N ARG A 75 -18.64 -42.64 5.80
CA ARG A 75 -19.98 -43.10 5.44
C ARG A 75 -20.52 -44.13 6.46
N VAL A 76 -19.67 -45.03 6.90
CA VAL A 76 -20.05 -45.98 7.95
C VAL A 76 -20.31 -45.21 9.25
N SER A 77 -19.42 -44.30 9.59
CA SER A 77 -19.63 -43.49 10.77
C SER A 77 -20.99 -42.79 10.78
N LEU A 78 -21.32 -42.15 9.66
CA LEU A 78 -22.58 -41.38 9.64
C LEU A 78 -23.76 -42.31 9.81
N ARG A 79 -23.71 -43.48 9.21
CA ARG A 79 -24.77 -44.48 9.44
C ARG A 79 -24.84 -44.92 10.90
N ASN A 80 -23.67 -45.22 11.47
CA ASN A 80 -23.67 -45.62 12.86
C ASN A 80 -24.26 -44.50 13.76
N LEU A 81 -23.91 -43.24 13.48
CA LEU A 81 -24.34 -42.12 14.30
C LEU A 81 -25.84 -41.90 14.27
N ARG A 82 -26.46 -42.10 13.13
CA ARG A 82 -27.89 -41.93 13.11
C ARG A 82 -28.53 -43.00 13.96
N GLY A 83 -27.91 -44.18 14.05
CA GLY A 83 -28.39 -45.22 14.98
C GLY A 83 -28.15 -44.83 16.44
N TYR A 84 -26.97 -44.29 16.74
CA TYR A 84 -26.65 -43.91 18.09
C TYR A 84 -27.61 -42.91 18.69
N TYR A 85 -28.10 -42.01 17.86
CA TYR A 85 -28.96 -40.92 18.31
C TYR A 85 -30.44 -41.19 17.96
N ASN A 86 -30.73 -42.40 17.49
CA ASN A 86 -32.11 -42.81 17.15
C ASN A 86 -32.75 -41.78 16.22
N GLN A 87 -32.00 -41.40 15.20
CA GLN A 87 -32.44 -40.42 14.25
C GLN A 87 -33.08 -41.04 13.03
N SER A 88 -33.94 -40.26 12.40
CA SER A 88 -34.51 -40.63 11.13
C SER A 88 -33.49 -40.90 10.05
N GLU A 89 -33.86 -41.75 9.11
CA GLU A 89 -33.04 -41.99 7.94
C GLU A 89 -33.18 -40.85 6.92
N ALA A 90 -34.01 -39.84 7.21
CA ALA A 90 -34.27 -38.75 6.27
C ALA A 90 -33.46 -37.44 6.43
N GLY A 91 -33.07 -37.07 7.65
CA GLY A 91 -32.34 -35.76 7.78
C GLY A 91 -30.88 -35.79 7.31
N SER A 92 -30.32 -34.62 6.95
CA SER A 92 -28.87 -34.50 6.68
C SER A 92 -28.15 -34.25 8.00
N HIS A 93 -26.96 -34.85 8.09
CA HIS A 93 -26.11 -34.75 9.30
C HIS A 93 -24.67 -34.51 8.89
N THR A 94 -23.89 -33.96 9.83
CA THR A 94 -22.53 -33.54 9.58
C THR A 94 -21.60 -34.19 10.60
N LEU A 95 -20.53 -34.80 10.11
CA LEU A 95 -19.45 -35.33 10.93
C LEU A 95 -18.18 -34.59 10.60
N GLN A 96 -17.54 -34.02 11.61
CA GLN A 96 -16.30 -33.27 11.40
C GLN A 96 -15.19 -33.91 12.22
N ARG A 97 -13.94 -33.76 11.76
CA ARG A 97 -12.78 -34.26 12.48
C ARG A 97 -11.67 -33.22 12.25
N MET A 98 -10.82 -33.04 13.25
CA MET A 98 -9.71 -32.08 13.16
C MET A 98 -8.62 -32.81 13.90
N TYR A 99 -7.46 -32.93 13.28
CA TYR A 99 -6.33 -33.57 13.93
C TYR A 99 -5.01 -32.97 13.48
N GLY A 100 -3.94 -33.27 14.21
CA GLY A 100 -2.61 -32.92 13.77
C GLY A 100 -1.63 -32.79 14.89
N CYS A 101 -0.49 -32.15 14.59
CA CYS A 101 0.61 -32.11 15.56
C CYS A 101 1.19 -30.73 15.62
N ASP A 102 1.63 -30.35 16.83
CA ASP A 102 2.30 -29.07 17.09
C ASP A 102 3.78 -29.42 17.41
N VAL A 103 4.70 -28.67 16.85
CA VAL A 103 6.12 -28.83 17.15
C VAL A 103 6.71 -27.49 17.58
N GLY A 104 7.79 -27.57 18.35
CA GLY A 104 8.49 -26.41 18.81
C GLY A 104 9.54 -26.01 17.80
N PRO A 105 10.36 -25.02 18.15
CA PRO A 105 11.41 -24.56 17.24
C PRO A 105 12.47 -25.61 16.90
N ASP A 106 12.63 -26.65 17.74
CA ASP A 106 13.53 -27.76 17.44
C ASP A 106 12.89 -28.85 16.57
N GLY A 107 11.64 -28.63 16.16
CA GLY A 107 10.88 -29.63 15.41
C GLY A 107 10.38 -30.82 16.20
N ARG A 108 10.51 -30.77 17.52
CA ARG A 108 10.04 -31.83 18.40
C ARG A 108 8.56 -31.67 18.73
N LEU A 109 7.89 -32.82 18.85
CA LEU A 109 6.46 -32.85 19.20
C LEU A 109 6.22 -32.17 20.51
N LEU A 110 5.33 -31.19 20.48
CA LEU A 110 4.86 -30.51 21.66
C LEU A 110 3.60 -31.21 22.12
N ARG A 111 2.66 -31.42 21.19
CA ARG A 111 1.48 -32.20 21.49
C ARG A 111 0.77 -32.60 20.22
N GLY A 112 0.01 -33.66 20.30
CA GLY A 112 -0.89 -34.07 19.21
C GLY A 112 -2.34 -33.86 19.54
N HIS A 113 -3.19 -33.96 18.50
CA HIS A 113 -4.61 -33.68 18.61
C HIS A 113 -5.40 -34.60 17.67
N ASP A 114 -6.56 -35.09 18.14
CA ASP A 114 -7.62 -35.63 17.29
C ASP A 114 -8.95 -35.41 17.98
N GLN A 115 -9.91 -34.87 17.25
CA GLN A 115 -11.22 -34.53 17.80
C GLN A 115 -12.23 -34.72 16.74
N SER A 116 -13.40 -35.23 17.12
CA SER A 116 -14.56 -35.33 16.21
C SER A 116 -15.76 -34.66 16.79
N ALA A 117 -16.66 -34.24 15.89
CA ALA A 117 -17.91 -33.56 16.24
C ALA A 117 -19.02 -34.09 15.37
N TYR A 118 -20.24 -34.16 15.95
CA TYR A 118 -21.42 -34.58 15.22
C TYR A 118 -22.48 -33.46 15.31
N ASP A 119 -22.98 -33.02 14.17
CA ASP A 119 -23.91 -31.93 14.09
C ASP A 119 -23.46 -30.73 14.91
N GLY A 120 -22.17 -30.44 14.77
CA GLY A 120 -21.60 -29.19 15.28
C GLY A 120 -21.26 -29.17 16.75
N LYS A 121 -21.42 -30.30 17.42
CA LYS A 121 -21.12 -30.41 18.86
C LYS A 121 -20.03 -31.46 19.09
N ASP A 122 -19.17 -31.24 20.10
CA ASP A 122 -18.15 -32.21 20.44
C ASP A 122 -18.77 -33.60 20.54
N TYR A 123 -18.06 -34.59 20.00
CA TYR A 123 -18.49 -35.96 20.07
C TYR A 123 -17.45 -36.78 20.86
N ILE A 124 -16.26 -36.95 20.28
CA ILE A 124 -15.18 -37.69 20.98
C ILE A 124 -13.86 -37.06 20.67
N ALA A 125 -12.98 -37.00 21.66
CA ALA A 125 -11.67 -36.37 21.50
C ALA A 125 -10.59 -37.27 22.09
N LEU A 126 -9.47 -37.35 21.39
CA LEU A 126 -8.28 -37.97 21.94
C LEU A 126 -7.73 -37.03 23.00
N ASN A 127 -7.43 -37.59 24.16
CA ASN A 127 -6.83 -36.80 25.20
C ASN A 127 -5.37 -36.53 24.86
N GLU A 128 -4.83 -35.54 25.56
CA GLU A 128 -3.45 -35.12 25.27
C GLU A 128 -2.43 -36.24 25.50
N ASP A 129 -2.77 -37.20 26.38
CA ASP A 129 -1.96 -38.39 26.55
C ASP A 129 -1.78 -39.34 25.34
N LEU A 130 -2.62 -39.13 24.30
CA LEU A 130 -2.64 -39.93 23.10
C LEU A 130 -2.90 -41.39 23.44
N SER A 131 -3.63 -41.61 24.53
CA SER A 131 -3.82 -42.99 25.00
C SER A 131 -5.24 -43.24 25.50
N SER A 132 -6.05 -42.19 25.62
CA SER A 132 -7.41 -42.33 26.10
C SER A 132 -8.29 -41.32 25.41
N TRP A 133 -9.58 -41.48 25.56
CA TRP A 133 -10.58 -40.64 24.91
C TRP A 133 -11.51 -39.96 25.90
N THR A 134 -11.98 -38.79 25.53
CA THR A 134 -13.06 -38.11 26.23
C THR A 134 -14.31 -38.15 25.37
N ALA A 135 -15.33 -38.85 25.87
CA ALA A 135 -16.64 -38.91 25.24
C ALA A 135 -17.47 -37.74 25.74
N ALA A 136 -18.04 -36.97 24.82
CA ALA A 136 -18.72 -35.73 25.17
C ALA A 136 -20.13 -36.00 25.72
N ASP A 137 -20.68 -37.14 25.35
CA ASP A 137 -22.00 -37.54 25.76
C ASP A 137 -22.10 -39.04 25.87
N THR A 138 -23.31 -39.49 26.16
CA THR A 138 -23.55 -40.86 26.40
C THR A 138 -23.37 -41.71 25.14
N ALA A 139 -23.79 -41.22 23.99
CA ALA A 139 -23.64 -41.88 22.74
C ALA A 139 -22.17 -42.11 22.39
N ALA A 140 -21.34 -41.09 22.62
CA ALA A 140 -19.93 -41.22 22.30
C ALA A 140 -19.23 -42.25 23.16
N GLN A 141 -19.83 -42.68 24.28
CA GLN A 141 -19.32 -43.84 25.03
C GLN A 141 -19.32 -45.14 24.22
N ILE A 142 -20.22 -45.24 23.25
CA ILE A 142 -20.22 -46.38 22.35
C ILE A 142 -18.92 -46.41 21.56
N THR A 143 -18.61 -45.29 20.93
CA THR A 143 -17.37 -45.17 20.13
C THR A 143 -16.14 -45.36 20.99
N GLN A 144 -16.17 -44.77 22.17
CA GLN A 144 -15.09 -44.89 23.13
C GLN A 144 -14.75 -46.37 23.39
N ARG A 145 -15.75 -47.20 23.67
CA ARG A 145 -15.51 -48.60 23.91
C ARG A 145 -14.95 -49.29 22.66
N LYS A 146 -15.55 -49.01 21.52
CA LYS A 146 -15.13 -49.64 20.26
C LYS A 146 -13.66 -49.27 20.00
N TRP A 147 -13.32 -47.98 20.19
CA TRP A 147 -11.96 -47.51 19.91
C TRP A 147 -10.95 -48.00 20.93
N GLU A 148 -11.36 -48.15 22.18
CA GLU A 148 -10.50 -48.78 23.22
C GLU A 148 -10.21 -50.21 22.80
N ALA A 149 -11.24 -50.95 22.42
CA ALA A 149 -11.06 -52.34 22.02
C ALA A 149 -10.12 -52.47 20.81
N ALA A 150 -10.22 -51.51 19.88
CA ALA A 150 -9.44 -51.54 18.62
C ALA A 150 -8.03 -50.98 18.80
N ARG A 151 -7.72 -50.48 19.98
CA ARG A 151 -6.45 -49.81 20.27
C ARG A 151 -6.21 -48.67 19.27
N GLU A 152 -7.28 -47.96 19.00
CA GLU A 152 -7.25 -46.84 18.10
C GLU A 152 -6.25 -45.74 18.55
N ALA A 153 -6.20 -45.48 19.85
CA ALA A 153 -5.29 -44.43 20.38
C ALA A 153 -3.82 -44.78 20.13
N GLU A 154 -3.47 -46.05 20.24
CA GLU A 154 -2.09 -46.47 19.95
C GLU A 154 -1.70 -46.14 18.53
N GLN A 155 -2.61 -46.28 17.55
CA GLN A 155 -2.31 -45.96 16.16
C GLN A 155 -2.11 -44.45 16.02
N TRP A 156 -2.94 -43.70 16.69
CA TRP A 156 -2.81 -42.25 16.70
C TRP A 156 -1.46 -41.83 17.29
N ARG A 157 -1.12 -42.40 18.42
CA ARG A 157 0.13 -42.00 19.06
C ARG A 157 1.29 -42.26 18.10
N ALA A 158 1.30 -43.41 17.45
CA ALA A 158 2.35 -43.73 16.50
C ALA A 158 2.45 -42.70 15.39
N TYR A 159 1.30 -42.31 14.82
CA TYR A 159 1.28 -41.31 13.79
C TYR A 159 1.72 -39.95 14.28
N LEU A 160 1.16 -39.50 15.39
CA LEU A 160 1.41 -38.13 15.88
C LEU A 160 2.86 -37.93 16.29
N GLU A 161 3.48 -38.94 16.91
CA GLU A 161 4.91 -38.85 17.31
C GLU A 161 5.89 -39.06 16.18
N GLY A 162 5.45 -39.71 15.11
CA GLY A 162 6.31 -40.13 14.03
C GLY A 162 6.05 -39.36 12.77
N LEU A 163 5.23 -39.92 11.90
CA LEU A 163 5.04 -39.38 10.55
C LEU A 163 4.47 -37.98 10.53
N CYS A 164 3.61 -37.64 11.49
CA CYS A 164 3.05 -36.30 11.54
C CYS A 164 4.16 -35.26 11.68
N VAL A 165 5.05 -35.49 12.64
CA VAL A 165 6.15 -34.58 12.92
C VAL A 165 7.16 -34.60 11.81
N GLU A 166 7.45 -35.77 11.28
CA GLU A 166 8.44 -35.88 10.18
C GLU A 166 7.97 -35.14 8.94
N TRP A 167 6.69 -35.30 8.62
CA TRP A 167 6.20 -34.64 7.44
C TRP A 167 6.07 -33.15 7.64
N LEU A 168 5.64 -32.74 8.82
CA LEU A 168 5.61 -31.30 9.10
C LEU A 168 6.99 -30.69 8.92
N ARG A 169 8.02 -31.32 9.46
CA ARG A 169 9.40 -30.84 9.26
C ARG A 169 9.76 -30.71 7.80
N ARG A 170 9.38 -31.70 6.99
CA ARG A 170 9.66 -31.70 5.56
C ARG A 170 8.96 -30.56 4.85
N TYR A 171 7.70 -30.34 5.16
CA TYR A 171 6.97 -29.29 4.52
C TYR A 171 7.58 -27.92 4.88
N LEU A 172 7.99 -27.78 6.13
CA LEU A 172 8.57 -26.51 6.60
C LEU A 172 9.87 -26.18 5.90
N GLU A 173 10.65 -27.21 5.59
CA GLU A 173 11.89 -27.03 4.82
C GLU A 173 11.59 -26.73 3.35
N ASN A 174 10.79 -27.56 2.68
CA ASN A 174 10.40 -27.28 1.29
C ASN A 174 9.71 -25.95 1.08
N GLY A 175 8.87 -25.57 2.03
CA GLY A 175 8.14 -24.31 1.99
C GLY A 175 8.77 -23.18 2.78
N LYS A 176 10.06 -23.29 3.10
CA LYS A 176 10.66 -22.36 4.07
C LYS A 176 10.57 -20.89 3.65
N GLU A 177 10.63 -20.61 2.35
CA GLU A 177 10.63 -19.23 1.88
C GLU A 177 9.34 -18.49 2.23
N THR A 178 8.24 -19.22 2.32
CA THR A 178 6.98 -18.64 2.72
C THR A 178 6.59 -19.01 4.14
N LEU A 179 6.58 -20.31 4.45
CA LEU A 179 6.14 -20.77 5.76
C LEU A 179 6.97 -20.25 6.94
N GLN A 180 8.26 -19.99 6.74
CA GLN A 180 9.08 -19.55 7.85
C GLN A 180 9.46 -18.08 7.76
N ARG A 181 8.69 -17.32 6.98
CA ARG A 181 8.88 -15.89 6.84
C ARG A 181 7.57 -15.23 7.24
N ALA A 182 7.62 -14.45 8.31
CA ALA A 182 6.46 -13.66 8.75
C ALA A 182 6.40 -12.38 7.93
N ASP A 183 5.20 -12.04 7.45
CA ASP A 183 4.98 -10.80 6.70
C ASP A 183 4.40 -9.77 7.70
N PRO A 184 5.13 -8.67 8.00
CA PRO A 184 4.60 -7.73 8.97
C PRO A 184 3.42 -6.96 8.40
N PRO A 185 2.57 -6.41 9.27
CA PRO A 185 1.42 -5.65 8.78
C PRO A 185 1.82 -4.31 8.18
N LYS A 186 1.01 -3.88 7.22
CA LYS A 186 1.01 -2.51 6.70
C LYS A 186 -0.09 -1.81 7.52
N THR A 187 0.24 -0.66 8.09
CA THR A 187 -0.57 -0.06 9.12
C THR A 187 -0.94 1.36 8.73
N HIS A 188 -2.07 1.82 9.26
CA HIS A 188 -2.40 3.23 9.23
C HIS A 188 -3.53 3.50 10.20
N VAL A 189 -3.72 4.77 10.52
CA VAL A 189 -4.77 5.20 11.47
C VAL A 189 -5.69 6.14 10.73
N THR A 190 -6.98 5.93 10.90
CA THR A 190 -7.99 6.79 10.30
C THR A 190 -8.89 7.38 11.40
N HIS A 191 -9.58 8.45 11.00
CA HIS A 191 -10.35 9.28 11.93
C HIS A 191 -11.72 9.54 11.33
N HIS A 192 -12.77 9.31 12.14
CA HIS A 192 -14.16 9.39 11.66
C HIS A 192 -15.02 10.03 12.75
N PRO A 193 -15.31 11.33 12.62
CA PRO A 193 -16.22 11.96 13.59
C PRO A 193 -17.56 11.23 13.65
N ILE A 194 -18.09 11.06 14.85
CA ILE A 194 -19.44 10.51 15.04
C ILE A 194 -20.42 11.61 15.43
N SER A 195 -19.87 12.75 15.80
CA SER A 195 -20.62 13.96 16.18
C SER A 195 -19.58 15.06 16.20
N ASP A 196 -19.94 16.31 16.51
CA ASP A 196 -18.88 17.30 16.65
C ASP A 196 -18.13 17.24 18.00
N HIS A 197 -18.44 16.25 18.83
CA HIS A 197 -17.79 16.12 20.12
C HIS A 197 -17.19 14.72 20.39
N GLU A 198 -17.40 13.76 19.50
CA GLU A 198 -16.68 12.48 19.62
C GLU A 198 -16.25 12.01 18.23
N ALA A 199 -15.14 11.28 18.17
CA ALA A 199 -14.65 10.75 16.91
C ALA A 199 -14.06 9.36 17.11
N THR A 200 -14.21 8.54 16.09
CA THR A 200 -13.57 7.23 16.10
C THR A 200 -12.15 7.35 15.56
N LEU A 201 -11.20 6.76 16.28
CA LEU A 201 -9.87 6.47 15.78
C LEU A 201 -9.78 4.98 15.47
N ARG A 202 -9.41 4.63 14.24
CA ARG A 202 -9.37 3.22 13.83
C ARG A 202 -7.92 2.94 13.40
N CYS A 203 -7.33 1.93 14.01
CA CYS A 203 -5.98 1.45 13.75
C CYS A 203 -6.07 0.21 12.88
N TRP A 204 -5.45 0.26 11.71
CA TRP A 204 -5.52 -0.82 10.71
C TRP A 204 -4.25 -1.61 10.59
N ALA A 205 -4.39 -2.91 10.39
CA ALA A 205 -3.30 -3.79 10.03
C ALA A 205 -3.72 -4.60 8.83
N LEU A 206 -2.96 -4.51 7.73
CA LEU A 206 -3.25 -5.22 6.52
C LEU A 206 -2.05 -6.02 6.06
N GLY A 207 -2.31 -7.07 5.31
CA GLY A 207 -1.29 -7.81 4.62
C GLY A 207 -0.32 -8.63 5.46
N PHE A 208 -0.73 -9.03 6.66
CA PHE A 208 0.17 -9.72 7.59
C PHE A 208 -0.03 -11.24 7.56
N TYR A 209 1.02 -11.97 7.95
CA TYR A 209 1.02 -13.43 8.03
C TYR A 209 2.09 -13.75 9.06
N PRO A 210 1.80 -14.63 10.03
CA PRO A 210 0.55 -15.38 10.21
C PRO A 210 -0.56 -14.51 10.76
N ALA A 211 -1.70 -15.13 11.02
CA ALA A 211 -2.91 -14.38 11.41
C ALA A 211 -2.85 -13.78 12.77
N GLU A 212 -2.13 -14.41 13.69
CA GLU A 212 -2.02 -13.92 15.06
C GLU A 212 -1.46 -12.51 15.08
N ILE A 213 -2.17 -11.61 15.76
CA ILE A 213 -1.78 -10.20 15.88
C ILE A 213 -2.43 -9.57 17.10
N THR A 214 -1.76 -8.58 17.68
CA THR A 214 -2.38 -7.88 18.79
C THR A 214 -2.40 -6.39 18.51
N LEU A 215 -3.61 -5.82 18.44
CA LEU A 215 -3.82 -4.39 18.25
C LEU A 215 -4.43 -3.85 19.51
N THR A 216 -3.80 -2.83 20.09
CA THR A 216 -4.37 -2.20 21.26
C THR A 216 -4.34 -0.69 21.11
N TRP A 217 -5.23 -0.04 21.86
CA TRP A 217 -5.22 1.40 22.01
C TRP A 217 -4.90 1.78 23.45
N GLN A 218 -4.09 2.83 23.61
CA GLN A 218 -3.80 3.41 24.92
C GLN A 218 -4.17 4.90 24.92
N ARG A 219 -4.56 5.39 26.11
CA ARG A 219 -4.79 6.80 26.36
C ARG A 219 -3.76 7.20 27.40
N ASP A 220 -2.87 8.09 27.02
CA ASP A 220 -1.75 8.46 27.91
C ASP A 220 -1.07 7.22 28.52
N GLY A 221 -0.86 6.19 27.70
CA GLY A 221 -0.20 4.99 28.14
C GLY A 221 -1.04 3.98 28.92
N GLU A 222 -2.33 4.25 29.12
CA GLU A 222 -3.23 3.33 29.82
C GLU A 222 -4.03 2.52 28.80
N ASP A 223 -4.06 1.20 28.94
CA ASP A 223 -4.73 0.36 27.93
C ASP A 223 -6.24 0.61 28.02
N GLN A 224 -6.87 0.67 26.86
CA GLN A 224 -8.30 0.93 26.75
C GLN A 224 -9.03 -0.37 26.44
N THR A 225 -8.62 -1.43 27.13
CA THR A 225 -9.15 -2.78 26.98
C THR A 225 -10.64 -2.81 26.73
N GLN A 226 -11.36 -2.37 27.75
CA GLN A 226 -12.80 -2.50 27.84
C GLN A 226 -13.51 -1.54 26.91
N ASP A 227 -12.76 -0.65 26.26
CA ASP A 227 -13.37 0.34 25.40
C ASP A 227 -12.75 0.36 24.02
N THR A 228 -12.08 -0.73 23.69
CA THR A 228 -11.62 -0.92 22.34
C THR A 228 -12.53 -1.89 21.61
N GLU A 229 -12.87 -1.53 20.38
CA GLU A 229 -13.67 -2.39 19.52
C GLU A 229 -12.77 -3.03 18.48
N LEU A 230 -12.81 -4.35 18.39
CA LEU A 230 -11.99 -5.10 17.45
C LEU A 230 -12.91 -5.77 16.45
N VAL A 231 -12.54 -5.79 15.17
CA VAL A 231 -13.18 -6.73 14.23
C VAL A 231 -12.45 -8.07 14.29
N GLU A 232 -13.16 -9.16 13.94
CA GLU A 232 -12.48 -10.44 13.78
C GLU A 232 -11.47 -10.39 12.64
N THR A 233 -10.31 -11.01 12.85
CA THR A 233 -9.30 -11.15 11.86
C THR A 233 -9.89 -11.83 10.64
N ARG A 234 -9.59 -11.29 9.47
CA ARG A 234 -10.22 -11.74 8.25
C ARG A 234 -9.18 -11.99 7.17
N PRO A 235 -9.43 -12.96 6.31
CA PRO A 235 -8.49 -13.24 5.22
C PRO A 235 -8.60 -12.29 4.06
N ALA A 236 -7.46 -11.88 3.53
CA ALA A 236 -7.47 -11.00 2.38
C ALA A 236 -7.74 -11.72 1.07
N GLY A 237 -7.51 -13.02 1.04
CA GLY A 237 -7.66 -13.84 -0.15
C GLY A 237 -6.35 -14.12 -0.88
N ASP A 238 -5.23 -13.62 -0.37
CA ASP A 238 -3.89 -13.84 -0.94
C ASP A 238 -2.91 -14.39 0.08
N ARG A 239 -3.48 -15.09 1.05
CA ARG A 239 -2.74 -15.74 2.16
C ARG A 239 -2.45 -14.80 3.30
N THR A 240 -2.72 -13.50 3.15
CA THR A 240 -2.51 -12.53 4.22
C THR A 240 -3.85 -12.21 4.94
N PHE A 241 -3.73 -11.54 6.06
CA PHE A 241 -4.83 -11.23 6.97
C PHE A 241 -4.95 -9.74 7.22
N GLN A 242 -6.12 -9.35 7.74
CA GLN A 242 -6.45 -7.98 8.07
C GLN A 242 -7.17 -7.90 9.41
N LYS A 243 -6.99 -6.79 10.11
CA LYS A 243 -7.71 -6.51 11.35
C LYS A 243 -7.66 -5.03 11.62
N TRP A 244 -8.64 -4.52 12.33
CA TRP A 244 -8.60 -3.18 12.88
C TRP A 244 -9.13 -3.13 14.29
N ALA A 245 -8.72 -2.08 15.01
CA ALA A 245 -9.17 -1.79 16.36
C ALA A 245 -9.54 -0.33 16.45
N ALA A 246 -10.63 -0.03 17.15
CA ALA A 246 -11.12 1.35 17.23
C ALA A 246 -11.44 1.78 18.66
N VAL A 247 -11.22 3.06 18.90
CA VAL A 247 -11.69 3.72 20.11
C VAL A 247 -12.46 4.96 19.70
N VAL A 248 -13.38 5.38 20.56
CA VAL A 248 -14.09 6.63 20.36
C VAL A 248 -13.63 7.59 21.42
N VAL A 249 -13.22 8.78 20.96
CA VAL A 249 -12.55 9.75 21.82
C VAL A 249 -13.22 11.12 21.74
N PRO A 250 -13.09 11.89 22.82
CA PRO A 250 -13.56 13.28 22.74
C PRO A 250 -12.82 14.10 21.70
N SER A 251 -13.56 14.85 20.90
CA SER A 251 -12.99 15.67 19.84
C SER A 251 -11.99 16.64 20.42
N GLY A 252 -10.81 16.68 19.81
CA GLY A 252 -9.70 17.48 20.29
C GLY A 252 -8.79 16.78 21.28
N GLU A 253 -9.09 15.54 21.66
CA GLU A 253 -8.19 14.77 22.57
C GLU A 253 -7.44 13.64 21.86
N GLU A 254 -7.52 13.63 20.54
CA GLU A 254 -6.87 12.57 19.73
C GLU A 254 -5.39 12.30 20.03
N GLN A 255 -4.63 13.35 20.38
CA GLN A 255 -3.20 13.26 20.66
C GLN A 255 -2.85 12.42 21.87
N ARG A 256 -3.83 12.16 22.74
CA ARG A 256 -3.59 11.37 23.92
C ARG A 256 -3.53 9.88 23.60
N TYR A 257 -3.96 9.50 22.40
CA TYR A 257 -4.19 8.08 22.10
C TYR A 257 -3.13 7.51 21.17
N THR A 258 -2.69 6.29 21.49
CA THR A 258 -1.70 5.59 20.67
C THR A 258 -2.19 4.20 20.36
N CYS A 259 -1.97 3.76 19.13
CA CYS A 259 -2.26 2.38 18.73
C CYS A 259 -0.97 1.59 18.78
N HIS A 260 -1.02 0.39 19.32
CA HIS A 260 0.14 -0.47 19.44
C HIS A 260 -0.10 -1.76 18.69
N VAL A 261 0.85 -2.16 17.87
CA VAL A 261 0.77 -3.31 17.00
C VAL A 261 1.89 -4.29 17.29
N GLN A 262 1.51 -5.49 17.70
CA GLN A 262 2.42 -6.60 17.99
C GLN A 262 2.15 -7.69 16.97
N HIS A 263 3.22 -8.13 16.32
CA HIS A 263 3.16 -9.19 15.33
C HIS A 263 4.51 -9.85 15.19
N GLU A 264 4.51 -11.13 14.88
CA GLU A 264 5.78 -11.86 14.73
C GLU A 264 6.74 -11.27 13.70
N GLY A 265 6.22 -10.64 12.67
CA GLY A 265 7.02 -9.92 11.67
C GLY A 265 7.61 -8.58 12.07
N LEU A 266 7.28 -8.12 13.27
CA LEU A 266 7.78 -6.86 13.82
C LEU A 266 8.74 -7.18 14.98
N PRO A 267 10.05 -6.94 14.79
CA PRO A 267 11.00 -7.20 15.88
C PRO A 267 10.69 -6.31 17.10
N LYS A 268 10.23 -5.08 16.86
CA LYS A 268 9.73 -4.26 17.94
C LYS A 268 8.30 -3.86 17.57
N PRO A 269 7.40 -3.82 18.56
CA PRO A 269 6.03 -3.40 18.25
C PRO A 269 5.96 -1.96 17.74
N LEU A 270 4.94 -1.65 16.95
CA LEU A 270 4.77 -0.32 16.42
C LEU A 270 3.87 0.50 17.32
N THR A 271 4.15 1.79 17.39
CA THR A 271 3.25 2.76 18.01
C THR A 271 2.83 3.76 16.94
N LEU A 272 1.52 3.93 16.77
CA LEU A 272 0.94 4.76 15.73
C LEU A 272 -0.02 5.78 16.37
N ARG A 273 -0.18 6.91 15.72
CA ARG A 273 -0.99 8.01 16.21
C ARG A 273 -1.72 8.64 15.07
N TRP A 274 -2.81 9.31 15.38
CA TRP A 274 -3.48 10.23 14.47
C TRP A 274 -2.89 11.61 14.72
N MET B 1 -28.81 -31.16 17.47
CA MET B 1 -28.59 -30.28 16.28
C MET B 1 -28.27 -28.84 16.66
N ILE B 2 -26.99 -28.48 16.55
CA ILE B 2 -26.56 -27.10 16.76
C ILE B 2 -26.83 -26.33 15.47
N GLN B 3 -27.37 -25.13 15.58
CA GLN B 3 -27.36 -24.21 14.43
C GLN B 3 -26.75 -22.90 14.91
N ARG B 4 -25.87 -22.36 14.09
CA ARG B 4 -25.23 -21.09 14.36
C ARG B 4 -25.30 -20.25 13.10
N THR B 5 -25.70 -18.99 13.26
CA THR B 5 -25.89 -18.11 12.11
C THR B 5 -24.57 -17.45 11.65
N PRO B 6 -24.45 -17.16 10.35
CA PRO B 6 -23.15 -16.62 9.87
C PRO B 6 -22.83 -15.22 10.33
N LYS B 7 -21.59 -15.04 10.77
CA LYS B 7 -20.93 -13.73 10.81
C LYS B 7 -20.58 -13.37 9.40
N ILE B 8 -20.63 -12.08 9.06
CA ILE B 8 -20.42 -11.63 7.71
C ILE B 8 -19.55 -10.39 7.74
N GLN B 9 -18.45 -10.40 7.01
CA GLN B 9 -17.74 -9.13 6.75
C GLN B 9 -17.53 -8.97 5.26
N VAL B 10 -17.64 -7.73 4.78
CA VAL B 10 -17.50 -7.40 3.37
C VAL B 10 -16.43 -6.30 3.28
N TYR B 11 -15.45 -6.54 2.43
CA TYR B 11 -14.25 -5.71 2.38
C TYR B 11 -13.44 -5.99 1.12
N SER B 12 -12.43 -5.18 0.86
CA SER B 12 -11.59 -5.38 -0.30
C SER B 12 -10.24 -6.03 0.05
N ARG B 13 -9.69 -6.80 -0.89
CA ARG B 13 -8.39 -7.45 -0.70
C ARG B 13 -7.29 -6.43 -0.48
N HIS B 14 -7.30 -5.39 -1.30
CA HIS B 14 -6.34 -4.28 -1.17
C HIS B 14 -7.08 -3.02 -0.82
N PRO B 15 -6.38 -2.02 -0.26
CA PRO B 15 -7.06 -0.77 0.03
C PRO B 15 -7.74 -0.20 -1.24
N ALA B 16 -8.97 0.26 -1.07
CA ALA B 16 -9.78 0.68 -2.21
C ALA B 16 -9.34 2.03 -2.73
N GLU B 17 -9.21 2.11 -4.05
CA GLU B 17 -8.92 3.37 -4.74
C GLU B 17 -9.84 3.38 -5.96
N ASN B 18 -10.64 4.44 -6.06
CA ASN B 18 -11.63 4.55 -7.14
C ASN B 18 -10.93 4.45 -8.48
N GLY B 19 -11.44 3.58 -9.35
CA GLY B 19 -10.83 3.38 -10.66
C GLY B 19 -9.80 2.29 -10.78
N LYS B 20 -9.34 1.74 -9.64
CA LYS B 20 -8.33 0.69 -9.63
C LYS B 20 -8.87 -0.71 -9.31
N SER B 21 -8.52 -1.67 -10.16
CA SER B 21 -8.99 -3.04 -10.02
C SER B 21 -8.53 -3.62 -8.70
N ASN B 22 -9.38 -4.45 -8.11
CA ASN B 22 -9.21 -4.91 -6.73
C ASN B 22 -10.01 -6.21 -6.64
N PHE B 23 -10.15 -6.75 -5.43
CA PHE B 23 -11.06 -7.88 -5.21
C PHE B 23 -11.98 -7.53 -4.05
N LEU B 24 -13.24 -7.92 -4.24
CA LEU B 24 -14.31 -7.71 -3.29
C LEU B 24 -14.51 -9.05 -2.62
N ASN B 25 -14.39 -9.01 -1.29
CA ASN B 25 -14.52 -10.17 -0.44
C ASN B 25 -15.76 -10.15 0.44
N CYS B 26 -16.36 -11.32 0.56
CA CYS B 26 -17.37 -11.59 1.56
C CYS B 26 -16.93 -12.79 2.38
N TYR B 27 -16.56 -12.51 3.62
CA TYR B 27 -16.11 -13.53 4.56
C TYR B 27 -17.24 -13.94 5.48
N VAL B 28 -17.64 -15.20 5.38
CA VAL B 28 -18.75 -15.74 6.17
C VAL B 28 -18.14 -16.75 7.10
N SER B 29 -18.45 -16.65 8.37
CA SER B 29 -17.82 -17.52 9.36
C SER B 29 -18.74 -17.79 10.53
N GLY B 30 -18.37 -18.71 11.40
CA GLY B 30 -19.14 -18.95 12.58
C GLY B 30 -20.46 -19.65 12.40
N PHE B 31 -20.65 -20.33 11.26
CA PHE B 31 -21.96 -20.91 10.92
C PHE B 31 -21.99 -22.43 10.96
N HIS B 32 -23.21 -22.95 11.14
CA HIS B 32 -23.42 -24.40 11.18
C HIS B 32 -24.91 -24.60 10.99
N PRO B 33 -25.33 -25.53 10.12
CA PRO B 33 -24.54 -26.40 9.27
C PRO B 33 -23.94 -25.68 8.09
N SER B 34 -23.28 -26.41 7.20
CA SER B 34 -22.40 -25.81 6.21
C SER B 34 -23.11 -25.28 4.96
N ASP B 35 -24.33 -25.73 4.66
CA ASP B 35 -24.99 -25.23 3.47
C ASP B 35 -25.25 -23.75 3.65
N ILE B 36 -24.90 -22.98 2.62
CA ILE B 36 -25.00 -21.52 2.64
C ILE B 36 -25.04 -21.03 1.22
N GLU B 37 -25.64 -19.85 1.03
CA GLU B 37 -25.76 -19.24 -0.25
C GLU B 37 -25.26 -17.80 -0.11
N VAL B 38 -24.23 -17.49 -0.87
CA VAL B 38 -23.60 -16.19 -0.79
C VAL B 38 -23.50 -15.58 -2.18
N ASP B 39 -24.15 -14.43 -2.35
CA ASP B 39 -24.06 -13.63 -3.56
C ASP B 39 -23.31 -12.34 -3.26
N LEU B 40 -22.49 -11.93 -4.20
CA LEU B 40 -21.96 -10.59 -4.24
C LEU B 40 -22.79 -9.76 -5.21
N LEU B 41 -23.16 -8.57 -4.78
CA LEU B 41 -24.05 -7.69 -5.55
C LEU B 41 -23.36 -6.40 -5.98
N LYS B 42 -23.65 -5.97 -7.22
CA LYS B 42 -23.25 -4.67 -7.71
C LYS B 42 -24.54 -3.95 -8.09
N ASN B 43 -24.81 -2.86 -7.39
CA ASN B 43 -26.08 -2.12 -7.53
C ASN B 43 -27.29 -3.04 -7.56
N GLY B 44 -27.28 -4.01 -6.64
CA GLY B 44 -28.41 -4.90 -6.42
C GLY B 44 -28.45 -6.15 -7.27
N GLU B 45 -27.58 -6.24 -8.26
CA GLU B 45 -27.57 -7.36 -9.19
C GLU B 45 -26.46 -8.35 -8.83
N ARG B 46 -26.78 -9.63 -8.91
CA ARG B 46 -25.81 -10.69 -8.63
C ARG B 46 -24.65 -10.58 -9.60
N ILE B 47 -23.42 -10.62 -9.07
CA ILE B 47 -22.24 -10.65 -9.88
C ILE B 47 -22.00 -12.11 -10.23
N GLU B 48 -21.77 -12.37 -11.51
CA GLU B 48 -21.74 -13.75 -11.98
C GLU B 48 -20.46 -14.51 -11.68
N LYS B 49 -19.31 -13.88 -11.81
CA LYS B 49 -18.08 -14.63 -11.65
C LYS B 49 -17.63 -14.51 -10.19
N VAL B 50 -18.14 -15.40 -9.34
CA VAL B 50 -17.74 -15.40 -7.94
C VAL B 50 -17.19 -16.76 -7.56
N GLU B 51 -16.01 -16.74 -6.92
CA GLU B 51 -15.36 -17.96 -6.51
C GLU B 51 -15.36 -18.01 -5.01
N HIS B 52 -15.00 -19.15 -4.46
CA HIS B 52 -14.92 -19.25 -3.02
C HIS B 52 -13.86 -20.23 -2.59
N SER B 53 -13.42 -20.05 -1.36
CA SER B 53 -12.38 -20.89 -0.76
C SER B 53 -12.94 -22.27 -0.45
N ASP B 54 -12.06 -23.19 -0.09
CA ASP B 54 -12.47 -24.54 0.27
C ASP B 54 -13.07 -24.55 1.68
N LEU B 55 -14.13 -25.32 1.87
CA LEU B 55 -14.82 -25.37 3.15
C LEU B 55 -13.89 -25.81 4.26
N SER B 56 -13.79 -24.99 5.29
CA SER B 56 -12.99 -25.31 6.45
C SER B 56 -13.76 -24.87 7.68
N PHE B 57 -13.19 -25.08 8.84
CA PHE B 57 -13.86 -24.72 10.07
C PHE B 57 -12.89 -24.39 11.16
N SER B 58 -13.43 -23.77 12.18
CA SER B 58 -12.68 -23.27 13.29
C SER B 58 -12.68 -24.28 14.41
N LYS B 59 -11.93 -23.98 15.47
CA LYS B 59 -11.88 -24.85 16.65
C LYS B 59 -13.21 -25.17 17.32
N ASP B 60 -14.20 -24.28 17.22
CA ASP B 60 -15.52 -24.50 17.78
C ASP B 60 -16.47 -25.21 16.81
N TRP B 61 -15.88 -25.71 15.71
CA TRP B 61 -16.58 -26.53 14.68
C TRP B 61 -17.33 -25.70 13.67
N SER B 62 -17.37 -24.38 13.88
CA SER B 62 -18.13 -23.55 12.96
C SER B 62 -17.38 -23.31 11.65
N PHE B 63 -18.12 -23.28 10.55
CA PHE B 63 -17.57 -23.24 9.20
C PHE B 63 -17.21 -21.81 8.81
N TYR B 64 -16.28 -21.68 7.88
CA TYR B 64 -16.01 -20.39 7.26
C TYR B 64 -15.62 -20.58 5.83
N LEU B 65 -15.92 -19.54 5.05
CA LEU B 65 -15.69 -19.48 3.61
C LEU B 65 -15.40 -18.01 3.25
N LEU B 66 -14.56 -17.81 2.24
CA LEU B 66 -14.34 -16.52 1.63
C LEU B 66 -14.86 -16.57 0.20
N TYR B 67 -15.81 -15.67 -0.11
CA TYR B 67 -16.33 -15.51 -1.47
C TYR B 67 -15.69 -14.25 -2.02
N TYR B 68 -15.28 -14.28 -3.29
CA TYR B 68 -14.56 -13.17 -3.86
C TYR B 68 -14.71 -13.08 -5.38
N THR B 69 -14.63 -11.85 -5.83
CA THR B 69 -14.70 -11.54 -7.26
C THR B 69 -13.85 -10.31 -7.51
N GLU B 70 -13.35 -10.20 -8.74
CA GLU B 70 -12.67 -8.99 -9.15
C GLU B 70 -13.66 -7.83 -9.23
N PHE B 71 -13.23 -6.64 -8.82
CA PHE B 71 -14.05 -5.41 -8.94
C PHE B 71 -13.19 -4.18 -9.03
N THR B 72 -13.75 -3.14 -9.67
CA THR B 72 -13.13 -1.83 -9.72
C THR B 72 -14.08 -0.83 -9.04
N PRO B 73 -13.80 -0.47 -7.78
CA PRO B 73 -14.68 0.44 -7.05
C PRO B 73 -14.72 1.84 -7.67
N THR B 74 -15.85 2.50 -7.47
CA THR B 74 -16.05 3.87 -7.93
C THR B 74 -16.73 4.63 -6.81
N GLU B 75 -16.88 5.94 -7.01
CA GLU B 75 -17.55 6.75 -6.01
C GLU B 75 -18.99 6.31 -5.75
N LYS B 76 -19.75 5.97 -6.81
CA LYS B 76 -21.20 5.78 -6.64
C LYS B 76 -21.73 4.35 -6.71
N ASP B 77 -20.98 3.44 -7.30
CA ASP B 77 -21.44 2.06 -7.38
C ASP B 77 -21.54 1.46 -5.99
N GLU B 78 -22.61 0.70 -5.76
CA GLU B 78 -22.86 0.16 -4.44
C GLU B 78 -22.67 -1.34 -4.46
N TYR B 79 -21.80 -1.83 -3.58
CA TYR B 79 -21.55 -3.27 -3.49
C TYR B 79 -22.06 -3.81 -2.17
N ALA B 80 -22.42 -5.09 -2.19
CA ALA B 80 -22.95 -5.73 -1.02
C ALA B 80 -22.79 -7.26 -1.13
N CYS B 81 -23.03 -7.92 -0.01
CA CYS B 81 -23.04 -9.37 0.07
C CYS B 81 -24.40 -9.79 0.60
N ARG B 82 -25.00 -10.78 -0.06
CA ARG B 82 -26.32 -11.33 0.34
C ARG B 82 -26.14 -12.77 0.76
N VAL B 83 -26.47 -13.06 2.01
CA VAL B 83 -26.25 -14.39 2.59
C VAL B 83 -27.60 -15.04 2.98
N ASN B 84 -27.81 -16.28 2.54
CA ASN B 84 -28.89 -17.11 3.09
C ASN B 84 -28.34 -18.37 3.75
N HIS B 85 -29.02 -18.76 4.80
CA HIS B 85 -28.66 -19.85 5.67
C HIS B 85 -29.91 -20.32 6.41
N VAL B 86 -29.93 -21.57 6.87
CA VAL B 86 -31.11 -22.13 7.51
C VAL B 86 -31.54 -21.33 8.74
N THR B 87 -30.60 -20.61 9.36
CA THR B 87 -30.85 -19.84 10.56
C THR B 87 -31.51 -18.51 10.28
N LEU B 88 -31.65 -18.15 9.00
CA LEU B 88 -32.14 -16.85 8.58
C LEU B 88 -33.54 -16.98 8.01
N SER B 89 -34.45 -16.22 8.56
CA SER B 89 -35.81 -16.18 8.04
C SER B 89 -35.88 -15.34 6.78
N GLN B 90 -34.97 -14.37 6.60
CA GLN B 90 -34.83 -13.64 5.34
C GLN B 90 -33.33 -13.49 5.09
N PRO B 91 -32.90 -13.31 3.85
CA PRO B 91 -31.46 -13.18 3.61
C PRO B 91 -30.88 -11.94 4.27
N LYS B 92 -29.59 -12.01 4.61
CA LYS B 92 -28.93 -10.93 5.30
C LYS B 92 -28.09 -10.22 4.27
N ILE B 93 -28.26 -8.90 4.16
CA ILE B 93 -27.52 -8.10 3.20
C ILE B 93 -26.59 -7.18 3.97
N VAL B 94 -25.32 -7.25 3.64
CA VAL B 94 -24.31 -6.40 4.28
C VAL B 94 -23.64 -5.58 3.19
N LYS B 95 -23.68 -4.27 3.36
CA LYS B 95 -23.12 -3.36 2.38
C LYS B 95 -21.62 -3.23 2.53
N TRP B 96 -20.93 -3.09 1.40
CA TRP B 96 -19.51 -2.79 1.42
C TRP B 96 -19.30 -1.34 1.85
N ASP B 97 -18.55 -1.14 2.95
CA ASP B 97 -18.15 0.17 3.40
C ASP B 97 -16.63 0.15 3.45
N ARG B 98 -15.98 0.89 2.55
CA ARG B 98 -14.52 0.88 2.43
C ARG B 98 -13.78 1.37 3.70
N ASP B 99 -14.51 1.95 4.64
CA ASP B 99 -13.93 2.37 5.93
C ASP B 99 -13.98 1.29 7.01
N MET B 100 -14.46 0.10 6.68
CA MET B 100 -14.65 -0.96 7.68
C MET B 100 -14.04 -2.31 7.30
N PHE C 1 0.44 -34.72 5.21
CA PHE C 1 0.50 -36.18 5.13
C PHE C 1 -0.51 -36.74 6.12
N THR C 2 -1.58 -37.32 5.58
CA THR C 2 -2.74 -37.72 6.38
C THR C 2 -2.54 -39.01 7.17
N MET C 3 -3.34 -39.15 8.21
CA MET C 3 -3.47 -40.39 8.96
C MET C 3 -4.23 -41.43 8.12
N ARG C 4 -4.04 -42.69 8.45
CA ARG C 4 -4.67 -43.78 7.69
C ARG C 4 -5.26 -44.82 8.61
N LEU C 5 -6.05 -45.69 8.01
CA LEU C 5 -6.60 -46.86 8.72
C LEU C 5 -7.39 -46.52 9.96
N LEU C 6 -8.13 -45.44 9.92
CA LEU C 6 -9.00 -45.09 11.04
C LEU C 6 -10.25 -45.96 11.07
N SER C 7 -10.74 -46.22 12.26
CA SER C 7 -12.00 -46.93 12.45
C SER C 7 -13.20 -46.03 12.34
N PRO C 8 -14.35 -46.59 11.95
CA PRO C 8 -15.56 -45.81 12.07
C PRO C 8 -15.88 -45.51 13.54
N VAL C 9 -16.64 -44.46 13.78
CA VAL C 9 -17.16 -44.22 15.12
C VAL C 9 -18.10 -45.34 15.54
N GLY D 1 5.38 16.21 11.33
CA GLY D 1 6.78 16.22 10.81
C GLY D 1 7.19 17.65 10.49
N SER D 2 8.36 17.77 9.89
CA SER D 2 8.91 19.07 9.48
C SER D 2 8.27 19.52 8.16
N HIS D 3 8.25 20.84 7.96
CA HIS D 3 7.64 21.47 6.77
C HIS D 3 8.42 22.70 6.34
N SER D 4 8.18 23.08 5.08
CA SER D 4 8.79 24.27 4.53
C SER D 4 7.84 25.04 3.65
N MET D 5 7.96 26.36 3.64
CA MET D 5 7.35 27.19 2.62
C MET D 5 8.47 27.79 1.79
N ARG D 6 8.38 27.67 0.48
CA ARG D 6 9.44 28.13 -0.40
C ARG D 6 8.86 28.83 -1.61
N TYR D 7 9.47 29.95 -1.98
CA TYR D 7 9.15 30.61 -3.25
C TYR D 7 10.33 30.55 -4.19
N PHE D 8 9.98 30.49 -5.47
CA PHE D 8 10.93 30.35 -6.56
C PHE D 8 10.59 31.43 -7.58
N TYR D 9 11.51 32.37 -7.73
CA TYR D 9 11.34 33.48 -8.66
C TYR D 9 12.29 33.32 -9.85
N THR D 10 11.79 33.51 -11.06
CA THR D 10 12.63 33.50 -12.26
C THR D 10 12.34 34.76 -13.07
N ALA D 11 13.37 35.52 -13.42
CA ALA D 11 13.23 36.66 -14.33
C ALA D 11 14.17 36.48 -15.51
N MET D 12 13.70 36.78 -16.70
CA MET D 12 14.52 36.53 -17.87
C MET D 12 14.41 37.67 -18.85
N SER D 13 15.56 38.21 -19.23
CA SER D 13 15.59 39.28 -20.18
C SER D 13 15.52 38.69 -21.57
N ARG D 14 15.11 39.55 -22.50
CA ARG D 14 14.85 39.13 -23.88
C ARG D 14 15.06 40.31 -24.80
N PRO D 15 16.32 40.56 -25.13
CA PRO D 15 16.59 41.76 -25.92
C PRO D 15 15.84 41.75 -27.27
N GLY D 16 15.35 42.92 -27.61
CA GLY D 16 14.53 43.10 -28.81
C GLY D 16 13.10 42.69 -28.61
N ARG D 17 12.78 42.18 -27.43
CA ARG D 17 11.50 41.57 -27.16
C ARG D 17 10.81 42.10 -25.92
N GLY D 18 10.94 43.39 -25.71
CA GLY D 18 10.37 44.08 -24.61
C GLY D 18 10.99 43.81 -23.27
N GLU D 19 10.23 44.07 -22.22
CA GLU D 19 10.77 43.99 -20.86
C GLU D 19 10.86 42.55 -20.41
N PRO D 20 11.72 42.28 -19.41
CA PRO D 20 11.85 40.90 -18.95
C PRO D 20 10.57 40.28 -18.38
N ARG D 21 10.51 38.98 -18.55
CA ARG D 21 9.46 38.17 -17.94
C ARG D 21 9.79 37.88 -16.48
N PHE D 22 8.77 37.88 -15.63
CA PHE D 22 8.91 37.46 -14.24
C PHE D 22 7.87 36.37 -13.94
N ILE D 23 8.33 35.25 -13.41
CA ILE D 23 7.44 34.15 -12.97
C ILE D 23 7.80 33.82 -11.55
N ALA D 24 6.77 33.55 -10.76
CA ALA D 24 6.96 33.09 -9.39
C ALA D 24 6.08 31.90 -9.13
N VAL D 25 6.60 30.96 -8.35
CA VAL D 25 5.80 29.85 -7.87
C VAL D 25 6.08 29.66 -6.39
N GLY D 26 5.04 29.33 -5.65
CA GLY D 26 5.13 29.10 -4.22
C GLY D 26 4.73 27.69 -3.88
N TYR D 27 5.43 27.12 -2.92
CA TYR D 27 5.24 25.74 -2.45
C TYR D 27 5.13 25.65 -0.94
N VAL D 28 4.30 24.71 -0.47
CA VAL D 28 4.39 24.17 0.90
C VAL D 28 4.86 22.73 0.69
N ASP D 29 6.04 22.43 1.20
CA ASP D 29 6.69 21.16 0.91
C ASP D 29 6.71 20.92 -0.59
N ASP D 30 6.19 19.79 -1.08
CA ASP D 30 6.17 19.51 -2.51
C ASP D 30 4.87 19.86 -3.22
N THR D 31 4.03 20.68 -2.60
CA THR D 31 2.77 21.14 -3.18
C THR D 31 2.82 22.57 -3.62
N GLN D 32 2.68 22.79 -4.94
CA GLN D 32 2.61 24.15 -5.47
C GLN D 32 1.26 24.73 -5.11
N PHE D 33 1.24 25.93 -4.54
CA PHE D 33 -0.07 26.54 -4.20
C PHE D 33 -0.39 27.83 -4.92
N VAL D 34 0.59 28.42 -5.58
CA VAL D 34 0.35 29.67 -6.29
C VAL D 34 1.34 29.84 -7.45
N ARG D 35 0.91 30.52 -8.50
CA ARG D 35 1.85 30.97 -9.56
C ARG D 35 1.52 32.43 -9.91
N PHE D 36 2.56 33.20 -10.26
CA PHE D 36 2.37 34.49 -10.88
C PHE D 36 3.21 34.47 -12.17
N ASP D 37 2.66 34.94 -13.26
CA ASP D 37 3.44 35.02 -14.52
C ASP D 37 3.11 36.34 -15.16
N SER D 38 4.13 37.19 -15.31
CA SER D 38 3.92 38.53 -15.86
C SER D 38 3.40 38.51 -17.29
N ASP D 39 3.65 37.42 -18.02
CA ASP D 39 3.21 37.24 -19.44
C ASP D 39 1.83 36.60 -19.57
N ALA D 40 1.29 36.04 -18.50
CA ALA D 40 0.00 35.37 -18.58
C ALA D 40 -1.09 36.37 -18.86
N ALA D 41 -2.13 35.91 -19.55
CA ALA D 41 -3.37 36.68 -19.61
C ALA D 41 -3.97 36.68 -18.22
N SER D 42 -4.66 37.77 -17.87
CA SER D 42 -5.37 37.89 -16.60
C SER D 42 -6.33 36.70 -16.35
N PRO D 43 -6.36 36.15 -15.11
CA PRO D 43 -5.59 36.59 -13.95
C PRO D 43 -4.15 36.07 -13.98
N ARG D 44 -3.19 36.98 -13.76
CA ARG D 44 -1.77 36.60 -13.81
C ARG D 44 -1.30 35.79 -12.61
N MET D 45 -2.01 35.94 -11.49
CA MET D 45 -1.80 35.17 -10.27
C MET D 45 -2.89 34.10 -10.24
N ALA D 46 -2.52 32.84 -10.10
CA ALA D 46 -3.47 31.75 -10.14
C ALA D 46 -3.26 30.85 -8.93
N PRO D 47 -4.35 30.37 -8.32
CA PRO D 47 -4.15 29.38 -7.27
C PRO D 47 -3.76 28.02 -7.87
N ARG D 48 -2.97 27.21 -7.15
CA ARG D 48 -2.56 25.92 -7.67
C ARG D 48 -2.84 24.77 -6.68
N ALA D 49 -3.44 25.08 -5.54
CA ALA D 49 -3.88 24.06 -4.59
C ALA D 49 -5.25 24.47 -4.04
N PRO D 50 -6.15 23.51 -3.83
CA PRO D 50 -7.51 23.90 -3.43
C PRO D 50 -7.59 24.71 -2.14
N TRP D 51 -6.69 24.44 -1.20
CA TRP D 51 -6.74 25.02 0.12
C TRP D 51 -6.34 26.51 0.17
N ILE D 52 -5.70 27.02 -0.89
CA ILE D 52 -5.39 28.45 -0.96
C ILE D 52 -6.62 29.31 -1.30
N GLU D 53 -7.64 28.68 -1.87
CA GLU D 53 -8.84 29.38 -2.34
C GLU D 53 -9.74 29.98 -1.24
N GLN D 54 -9.56 29.59 0.03
CA GLN D 54 -10.37 30.16 1.12
C GLN D 54 -9.79 31.43 1.74
N GLU D 55 -8.63 31.88 1.26
CA GLU D 55 -8.17 33.21 1.62
C GLU D 55 -9.02 34.19 0.84
N GLY D 56 -9.33 35.32 1.44
CA GLY D 56 -10.22 36.31 0.80
C GLY D 56 -9.64 37.17 -0.32
N PRO D 57 -10.47 38.11 -0.84
CA PRO D 57 -10.03 39.06 -1.87
C PRO D 57 -8.90 39.97 -1.40
N GLU D 58 -8.92 40.39 -0.14
CA GLU D 58 -7.91 41.31 0.36
C GLU D 58 -6.57 40.59 0.28
N TYR D 59 -6.55 39.32 0.67
CA TYR D 59 -5.33 38.52 0.61
C TYR D 59 -4.78 38.45 -0.82
N TRP D 60 -5.65 38.15 -1.78
CA TRP D 60 -5.26 38.02 -3.19
C TRP D 60 -4.73 39.33 -3.75
N ASP D 61 -5.41 40.42 -3.46
CA ASP D 61 -4.96 41.73 -3.92
C ASP D 61 -3.58 42.05 -3.38
N ARG D 62 -3.39 41.75 -2.10
CA ARG D 62 -2.13 42.05 -1.47
C ARG D 62 -1.01 41.23 -2.13
N GLU D 63 -1.23 39.94 -2.39
CA GLU D 63 -0.21 39.10 -3.08
C GLU D 63 0.05 39.62 -4.51
N THR D 64 -1.03 39.93 -5.24
CA THR D 64 -0.87 40.47 -6.60
C THR D 64 0.01 41.72 -6.62
N GLN D 65 -0.21 42.66 -5.70
CA GLN D 65 0.58 43.88 -5.66
C GLN D 65 2.04 43.56 -5.37
N LYS D 66 2.29 42.62 -4.46
CA LYS D 66 3.71 42.26 -4.20
C LYS D 66 4.37 41.60 -5.42
N TYR D 67 3.66 40.72 -6.14
CA TYR D 67 4.23 40.13 -7.39
C TYR D 67 4.54 41.22 -8.41
N LYS D 68 3.63 42.15 -8.58
CA LYS D 68 3.85 43.22 -9.58
C LYS D 68 5.07 44.06 -9.23
N ARG D 69 5.21 44.39 -7.95
CA ARG D 69 6.38 45.16 -7.52
C ARG D 69 7.63 44.32 -7.66
N GLN D 70 7.57 43.04 -7.35
CA GLN D 70 8.79 42.22 -7.50
C GLN D 70 9.23 42.15 -8.95
N ALA D 71 8.27 42.00 -9.85
CA ALA D 71 8.56 41.94 -11.30
C ALA D 71 9.31 43.19 -11.72
N GLN D 72 8.83 44.35 -11.28
CA GLN D 72 9.50 45.62 -11.57
C GLN D 72 10.92 45.64 -11.01
N THR D 73 11.07 45.19 -9.76
CA THR D 73 12.37 45.18 -9.10
C THR D 73 13.34 44.26 -9.83
N ASP D 74 12.86 43.09 -10.25
CA ASP D 74 13.73 42.16 -10.98
C ASP D 74 14.19 42.74 -12.31
N ARG D 75 13.35 43.54 -12.96
CA ARG D 75 13.78 44.19 -14.20
C ARG D 75 14.91 45.15 -13.91
N VAL D 76 14.82 45.89 -12.82
CA VAL D 76 15.91 46.82 -12.48
C VAL D 76 17.14 45.98 -12.17
N SER D 77 16.96 44.88 -11.46
CA SER D 77 18.13 44.01 -11.13
C SER D 77 18.85 43.52 -12.37
N LEU D 78 18.07 43.07 -13.35
CA LEU D 78 18.68 42.52 -14.56
C LEU D 78 19.50 43.63 -15.25
N ARG D 79 18.95 44.83 -15.33
CA ARG D 79 19.67 45.93 -15.94
C ARG D 79 20.94 46.22 -15.13
N ASN D 80 20.81 46.23 -13.82
CA ASN D 80 21.96 46.46 -12.94
C ASN D 80 23.07 45.44 -13.19
N LEU D 81 22.69 44.18 -13.35
CA LEU D 81 23.67 43.13 -13.49
C LEU D 81 24.47 43.30 -14.74
N ARG D 82 23.85 43.71 -15.84
CA ARG D 82 24.63 43.99 -17.02
C ARG D 82 25.72 45.08 -16.81
N GLY D 83 25.36 46.07 -16.04
CA GLY D 83 26.35 47.11 -15.70
C GLY D 83 27.45 46.55 -14.85
N TYR D 84 27.15 45.67 -13.90
CA TYR D 84 28.19 45.17 -12.98
C TYR D 84 29.21 44.34 -13.74
N TYR D 85 28.73 43.62 -14.75
CA TYR D 85 29.54 42.67 -15.50
C TYR D 85 30.00 43.20 -16.86
N ASN D 86 29.71 44.46 -17.19
CA ASN D 86 30.01 45.05 -18.49
C ASN D 86 29.49 44.18 -19.63
N GLN D 87 28.29 43.64 -19.47
CA GLN D 87 27.66 42.87 -20.52
C GLN D 87 26.89 43.75 -21.47
N SER D 88 26.87 43.40 -22.74
CA SER D 88 26.09 44.17 -23.68
C SER D 88 24.60 43.95 -23.53
N GLU D 89 23.86 44.72 -24.31
CA GLU D 89 22.42 44.60 -24.34
C GLU D 89 21.97 43.41 -25.16
N ALA D 90 22.86 42.75 -25.89
CA ALA D 90 22.42 41.76 -26.90
C ALA D 90 22.12 40.35 -26.36
N GLY D 91 22.60 40.02 -25.18
CA GLY D 91 22.46 38.68 -24.67
C GLY D 91 21.26 38.58 -23.75
N SER D 92 20.67 37.39 -23.70
CA SER D 92 19.60 37.10 -22.75
C SER D 92 20.21 36.63 -21.45
N HIS D 93 19.61 37.02 -20.33
CA HIS D 93 20.08 36.64 -18.99
C HIS D 93 18.93 36.25 -18.08
N THR D 94 19.27 35.43 -17.10
CA THR D 94 18.30 34.92 -16.13
C THR D 94 18.70 35.29 -14.71
N LEU D 95 17.73 35.71 -13.90
CA LEU D 95 17.96 36.01 -12.48
C LEU D 95 16.97 35.12 -11.74
N GLN D 96 17.48 34.30 -10.81
CA GLN D 96 16.60 33.43 -10.01
C GLN D 96 16.76 33.76 -8.53
N ARG D 97 15.70 33.55 -7.75
CA ARG D 97 15.77 33.77 -6.31
C ARG D 97 14.94 32.63 -5.70
N MET D 98 15.40 32.11 -4.57
CA MET D 98 14.70 31.03 -3.89
C MET D 98 14.80 31.43 -2.45
N TYR D 99 13.67 31.48 -1.75
CA TYR D 99 13.70 31.80 -0.33
C TYR D 99 12.59 31.06 0.40
N GLY D 100 12.69 31.00 1.73
CA GLY D 100 11.63 30.47 2.51
C GLY D 100 12.04 30.07 3.89
N CYS D 101 11.12 29.38 4.57
CA CYS D 101 11.32 29.01 5.98
C CYS D 101 11.11 27.53 6.15
N ASP D 102 12.04 26.87 6.84
CA ASP D 102 11.89 25.47 7.15
C ASP D 102 11.62 25.38 8.66
N VAL D 103 10.55 24.70 9.02
CA VAL D 103 10.20 24.51 10.41
C VAL D 103 10.24 23.05 10.85
N GLY D 104 10.44 22.85 12.14
CA GLY D 104 10.39 21.53 12.75
C GLY D 104 8.98 21.12 13.11
N PRO D 105 8.82 19.95 13.76
CA PRO D 105 7.51 19.38 13.98
C PRO D 105 6.59 20.16 14.94
N ASP D 106 7.19 21.08 15.70
CA ASP D 106 6.51 21.99 16.63
C ASP D 106 6.25 23.37 16.01
N GLY D 107 6.64 23.55 14.76
CA GLY D 107 6.45 24.80 14.03
C GLY D 107 7.49 25.86 14.26
N ARG D 108 8.54 25.55 15.00
CA ARG D 108 9.61 26.49 15.24
C ARG D 108 10.57 26.53 14.05
N LEU D 109 11.14 27.69 13.77
CA LEU D 109 12.07 27.83 12.67
C LEU D 109 13.34 27.02 12.90
N LEU D 110 13.67 26.18 11.93
CA LEU D 110 14.98 25.49 11.83
C LEU D 110 15.94 26.22 10.93
N ARG D 111 15.41 26.75 9.81
CA ARG D 111 16.26 27.52 8.92
C ARG D 111 15.46 28.48 8.06
N GLY D 112 15.85 29.75 8.09
CA GLY D 112 15.34 30.76 7.13
C GLY D 112 16.41 30.90 6.08
N HIS D 113 16.01 31.10 4.83
CA HIS D 113 17.01 31.22 3.77
C HIS D 113 16.52 32.06 2.59
N ASP D 114 17.49 32.69 1.92
CA ASP D 114 17.28 33.46 0.70
C ASP D 114 18.56 33.38 -0.11
N GLN D 115 18.44 33.07 -1.39
CA GLN D 115 19.63 32.93 -2.26
C GLN D 115 19.21 33.37 -3.66
N SER D 116 20.12 33.99 -4.36
CA SER D 116 19.89 34.39 -5.75
C SER D 116 21.00 33.81 -6.64
N ALA D 117 20.67 33.67 -7.90
CA ALA D 117 21.59 33.17 -8.91
C ALA D 117 21.47 33.98 -10.19
N TYR D 118 22.59 34.19 -10.88
CA TYR D 118 22.57 34.91 -12.14
C TYR D 118 23.12 33.97 -13.19
N ASP D 119 22.36 33.83 -14.26
CA ASP D 119 22.67 32.90 -15.33
C ASP D 119 23.06 31.51 -14.81
N GLY D 120 22.32 31.05 -13.81
CA GLY D 120 22.41 29.71 -13.29
C GLY D 120 23.52 29.48 -12.29
N LYS D 121 24.24 30.53 -11.90
CA LYS D 121 25.37 30.47 -10.97
C LYS D 121 25.02 31.23 -9.69
N ASP D 122 25.42 30.67 -8.54
CA ASP D 122 25.21 31.31 -7.27
C ASP D 122 25.75 32.74 -7.33
N TYR D 123 24.98 33.68 -6.79
CA TYR D 123 25.30 35.10 -6.79
C TYR D 123 25.45 35.64 -5.37
N ILE D 124 24.39 35.56 -4.57
CA ILE D 124 24.44 36.05 -3.20
C ILE D 124 23.48 35.26 -2.35
N ALA D 125 23.86 35.00 -1.10
CA ALA D 125 23.01 34.22 -0.18
C ALA D 125 22.95 34.88 1.17
N LEU D 126 21.77 34.85 1.78
CA LEU D 126 21.66 35.23 3.18
C LEU D 126 22.32 34.18 4.04
N ASN D 127 23.16 34.61 4.97
CA ASN D 127 23.80 33.65 5.88
C ASN D 127 22.82 33.11 6.91
N GLU D 128 23.23 32.04 7.59
CA GLU D 128 22.38 31.32 8.52
C GLU D 128 21.93 32.19 9.69
N ASP D 129 22.77 33.16 10.06
CA ASP D 129 22.46 34.13 11.11
C ASP D 129 21.38 35.16 10.77
N LEU D 130 20.96 35.19 9.50
CA LEU D 130 19.96 36.13 8.99
C LEU D 130 20.36 37.59 9.19
N SER D 131 21.65 37.87 9.27
CA SER D 131 22.10 39.23 9.52
C SER D 131 23.20 39.68 8.59
N SER D 132 23.62 38.81 7.67
CA SER D 132 24.75 39.08 6.82
C SER D 132 24.57 38.27 5.56
N TRP D 133 25.41 38.58 4.58
CA TRP D 133 25.36 37.95 3.27
C TRP D 133 26.72 37.37 2.90
N THR D 134 26.71 36.36 2.04
CA THR D 134 27.90 35.86 1.39
C THR D 134 27.80 36.07 -0.13
N ALA D 135 28.69 36.89 -0.65
CA ALA D 135 28.75 37.27 -2.05
C ALA D 135 29.68 36.36 -2.81
N ALA D 136 29.25 35.97 -4.01
CA ALA D 136 30.02 35.04 -4.82
C ALA D 136 31.19 35.67 -5.55
N ASP D 137 31.12 36.97 -5.84
CA ASP D 137 32.04 37.62 -6.76
C ASP D 137 31.96 39.14 -6.56
N THR D 138 32.68 39.90 -7.38
CA THR D 138 32.73 41.36 -7.21
C THR D 138 31.35 41.99 -7.37
N ALA D 139 30.63 41.55 -8.42
CA ALA D 139 29.28 42.07 -8.64
C ALA D 139 28.43 41.87 -7.38
N ALA D 140 28.42 40.65 -6.81
CA ALA D 140 27.64 40.40 -5.62
C ALA D 140 28.09 41.21 -4.41
N GLN D 141 29.37 41.57 -4.34
CA GLN D 141 29.85 42.50 -3.31
C GLN D 141 29.23 43.89 -3.44
N ILE D 142 28.98 44.31 -4.67
CA ILE D 142 28.29 45.56 -4.95
C ILE D 142 26.87 45.49 -4.39
N THR D 143 26.19 44.40 -4.71
CA THR D 143 24.86 44.14 -4.17
C THR D 143 24.89 44.10 -2.65
N GLN D 144 25.86 43.43 -2.09
CA GLN D 144 25.96 43.28 -0.63
C GLN D 144 26.04 44.65 0.05
N ARG D 145 26.85 45.53 -0.49
CA ARG D 145 26.93 46.86 0.09
C ARG D 145 25.61 47.63 0.00
N LYS D 146 24.91 47.50 -1.12
CA LYS D 146 23.60 48.14 -1.27
C LYS D 146 22.60 47.56 -0.25
N TRP D 147 22.65 46.25 -0.07
CA TRP D 147 21.70 45.58 0.81
C TRP D 147 22.01 45.82 2.31
N GLU D 148 23.28 45.98 2.63
CA GLU D 148 23.68 46.48 3.96
C GLU D 148 23.15 47.89 4.21
N ALA D 149 23.29 48.78 3.22
CA ALA D 149 22.80 50.18 3.37
C ALA D 149 21.28 50.21 3.61
N ALA D 150 20.59 49.28 2.96
CA ALA D 150 19.15 49.17 3.02
C ALA D 150 18.65 48.36 4.22
N ARG D 151 19.57 47.84 5.03
CA ARG D 151 19.23 46.99 6.17
C ARG D 151 18.30 45.84 5.73
N GLU D 152 18.61 45.29 4.56
CA GLU D 152 17.82 44.22 3.98
C GLU D 152 17.80 42.97 4.85
N ALA D 153 18.91 42.62 5.48
CA ALA D 153 18.89 41.37 6.26
C ALA D 153 17.93 41.43 7.43
N GLU D 154 17.79 42.58 8.09
CA GLU D 154 16.77 42.69 9.15
C GLU D 154 15.35 42.52 8.60
N GLN D 155 15.22 42.89 7.43
CA GLN D 155 13.89 42.75 6.84
C GLN D 155 13.63 41.30 6.55
N TRP D 156 14.60 40.62 6.10
CA TRP D 156 14.49 39.18 5.95
C TRP D 156 14.31 38.45 7.28
N ARG D 157 15.09 38.80 8.29
CA ARG D 157 14.95 38.12 9.57
C ARG D 157 13.53 38.27 10.08
N ALA D 158 12.98 39.48 10.01
CA ALA D 158 11.64 39.71 10.46
C ALA D 158 10.63 38.81 9.75
N TYR D 159 10.73 38.73 8.42
CA TYR D 159 9.84 37.90 7.65
C TYR D 159 10.05 36.41 7.95
N LEU D 160 11.30 35.94 7.92
CA LEU D 160 11.54 34.52 8.00
C LEU D 160 11.17 33.95 9.35
N GLU D 161 11.40 34.74 10.40
CA GLU D 161 11.04 34.35 11.77
C GLU D 161 9.58 34.61 12.12
N GLY D 162 8.91 35.40 11.29
CA GLY D 162 7.59 35.92 11.59
C GLY D 162 6.55 35.46 10.59
N LEU D 163 6.18 36.33 9.66
CA LEU D 163 5.12 36.01 8.73
C LEU D 163 5.34 34.73 7.91
N CYS D 164 6.58 34.39 7.58
CA CYS D 164 6.82 33.19 6.79
C CYS D 164 6.30 31.96 7.54
N VAL D 165 6.68 31.88 8.82
CA VAL D 165 6.32 30.74 9.65
C VAL D 165 4.80 30.78 9.94
N GLU D 166 4.26 31.99 10.22
CA GLU D 166 2.83 32.13 10.49
C GLU D 166 1.99 31.64 9.32
N TRP D 167 2.32 32.08 8.11
CA TRP D 167 1.53 31.70 6.95
C TRP D 167 1.74 30.23 6.60
N LEU D 168 2.97 29.73 6.70
CA LEU D 168 3.19 28.29 6.59
C LEU D 168 2.26 27.49 7.48
N ARG D 169 2.20 27.88 8.76
CA ARG D 169 1.37 27.16 9.72
C ARG D 169 -0.10 27.29 9.41
N ARG D 170 -0.52 28.44 8.90
CA ARG D 170 -1.87 28.65 8.48
C ARG D 170 -2.24 27.78 7.28
N TYR D 171 -1.32 27.68 6.32
CA TYR D 171 -1.57 26.87 5.12
C TYR D 171 -1.65 25.40 5.50
N LEU D 172 -0.76 24.98 6.40
CA LEU D 172 -0.72 23.61 6.87
C LEU D 172 -2.02 23.26 7.54
N GLU D 173 -2.57 24.18 8.30
CA GLU D 173 -3.88 23.90 8.96
C GLU D 173 -4.99 23.80 7.92
N ASN D 174 -5.04 24.78 7.03
CA ASN D 174 -6.05 24.81 6.00
C ASN D 174 -6.00 23.64 5.02
N GLY D 175 -4.81 23.14 4.76
CA GLY D 175 -4.63 21.97 3.90
C GLY D 175 -4.28 20.72 4.67
N LYS D 176 -4.73 20.63 5.92
CA LYS D 176 -4.23 19.54 6.76
C LYS D 176 -4.48 18.16 6.17
N GLU D 177 -5.62 17.99 5.49
CA GLU D 177 -6.03 16.68 4.95
C GLU D 177 -5.09 16.13 3.90
N THR D 178 -4.28 17.01 3.29
CA THR D 178 -3.30 16.58 2.30
C THR D 178 -1.86 16.94 2.64
N LEU D 179 -1.63 18.02 3.37
CA LEU D 179 -0.27 18.47 3.64
C LEU D 179 0.40 17.88 4.85
N GLN D 180 -0.36 17.35 5.81
CA GLN D 180 0.26 17.01 7.09
C GLN D 180 0.45 15.54 7.38
N ARG D 181 -0.33 14.68 6.73
CA ARG D 181 -0.14 13.24 6.90
C ARG D 181 0.51 12.65 5.64
N ALA D 182 1.75 12.20 5.75
CA ALA D 182 2.42 11.70 4.56
C ALA D 182 1.66 10.49 3.99
N ASP D 183 1.66 10.39 2.65
CA ASP D 183 1.04 9.27 1.92
C ASP D 183 2.17 8.31 1.60
N PRO D 184 2.21 7.14 2.27
CA PRO D 184 3.28 6.19 1.97
C PRO D 184 3.17 5.63 0.55
N PRO D 185 4.30 5.16 0.02
CA PRO D 185 4.23 4.57 -1.29
C PRO D 185 3.45 3.27 -1.34
N LYS D 186 2.81 3.03 -2.47
CA LYS D 186 2.34 1.71 -2.83
C LYS D 186 3.51 1.05 -3.56
N THR D 187 3.91 -0.13 -3.10
CA THR D 187 5.14 -0.74 -3.59
C THR D 187 4.86 -2.12 -4.14
N HIS D 188 5.56 -2.46 -5.23
CA HIS D 188 5.52 -3.82 -5.78
C HIS D 188 6.74 -4.06 -6.65
N VAL D 189 7.03 -5.34 -6.90
CA VAL D 189 8.18 -5.74 -7.70
C VAL D 189 7.64 -6.45 -8.94
N THR D 190 8.08 -6.01 -10.11
CA THR D 190 7.76 -6.65 -11.39
C THR D 190 8.98 -7.42 -11.91
N HIS D 191 8.69 -8.49 -12.62
CA HIS D 191 9.69 -9.43 -13.10
C HIS D 191 9.61 -9.40 -14.64
N HIS D 192 10.74 -9.11 -15.28
CA HIS D 192 10.83 -8.98 -16.74
C HIS D 192 11.88 -9.95 -17.31
N PRO D 193 11.45 -11.17 -17.75
CA PRO D 193 12.37 -12.10 -18.39
C PRO D 193 13.15 -11.42 -19.50
N ILE D 194 14.45 -11.60 -19.49
CA ILE D 194 15.31 -11.14 -20.57
C ILE D 194 15.62 -12.35 -21.47
N SER D 195 16.04 -13.44 -20.82
CA SER D 195 16.40 -14.70 -21.49
C SER D 195 15.98 -15.84 -20.56
N ASP D 196 16.37 -17.07 -20.87
CA ASP D 196 16.04 -18.17 -19.95
C ASP D 196 16.90 -18.16 -18.71
N HIS D 197 17.99 -17.39 -18.74
CA HIS D 197 18.91 -17.37 -17.62
C HIS D 197 18.96 -16.04 -16.86
N GLU D 198 18.18 -15.04 -17.29
CA GLU D 198 18.19 -13.72 -16.66
C GLU D 198 16.85 -13.01 -16.76
N ALA D 199 16.56 -12.20 -15.73
CA ALA D 199 15.34 -11.39 -15.69
C ALA D 199 15.61 -10.12 -14.88
N THR D 200 14.91 -9.03 -15.23
CA THR D 200 14.97 -7.76 -14.51
C THR D 200 13.94 -7.80 -13.40
N LEU D 201 14.36 -7.44 -12.20
CA LEU D 201 13.42 -7.19 -11.14
C LEU D 201 13.35 -5.67 -11.00
N ARG D 202 12.14 -5.12 -11.07
CA ARG D 202 11.97 -3.68 -10.93
C ARG D 202 11.04 -3.41 -9.74
N CYS D 203 11.59 -2.67 -8.79
CA CYS D 203 10.90 -2.29 -7.57
C CYS D 203 10.29 -0.87 -7.76
N TRP D 204 8.98 -0.83 -7.66
CA TRP D 204 8.20 0.40 -7.91
C TRP D 204 7.68 0.98 -6.61
N ALA D 205 7.73 2.30 -6.52
CA ALA D 205 7.10 3.08 -5.47
C ALA D 205 6.18 4.08 -6.17
N LEU D 206 4.90 4.02 -5.82
CA LEU D 206 3.92 4.83 -6.51
C LEU D 206 3.02 5.53 -5.52
N GLY D 207 2.50 6.67 -5.95
CA GLY D 207 1.50 7.37 -5.17
C GLY D 207 1.94 7.97 -3.88
N PHE D 208 3.22 8.30 -3.76
CA PHE D 208 3.72 8.74 -2.45
C PHE D 208 3.82 10.26 -2.40
N TYR D 209 3.71 10.78 -1.17
CA TYR D 209 3.89 12.22 -0.88
C TYR D 209 4.37 12.35 0.56
N PRO D 210 5.37 13.16 0.84
CA PRO D 210 6.12 14.03 -0.08
C PRO D 210 7.09 13.24 -0.97
N ALA D 211 7.87 13.93 -1.79
CA ALA D 211 8.68 13.28 -2.83
C ALA D 211 9.91 12.57 -2.31
N GLU D 212 10.44 12.98 -1.17
CA GLU D 212 11.65 12.34 -0.61
C GLU D 212 11.42 10.87 -0.35
N ILE D 213 12.32 10.02 -0.86
CA ILE D 213 12.18 8.59 -0.75
C ILE D 213 13.53 7.94 -1.03
N THR D 214 13.75 6.78 -0.42
CA THR D 214 14.95 5.96 -0.77
C THR D 214 14.51 4.57 -1.17
N LEU D 215 15.07 4.08 -2.27
CA LEU D 215 14.71 2.82 -2.86
C LEU D 215 16.04 2.14 -3.16
N THR D 216 16.28 0.97 -2.58
CA THR D 216 17.50 0.21 -2.85
C THR D 216 17.22 -1.27 -2.98
N TRP D 217 18.14 -1.99 -3.65
CA TRP D 217 18.07 -3.45 -3.77
C TRP D 217 19.22 -4.09 -3.00
N GLN D 218 18.95 -5.23 -2.38
CA GLN D 218 19.99 -6.05 -1.74
C GLN D 218 19.94 -7.46 -2.30
N ARG D 219 21.12 -8.09 -2.39
CA ARG D 219 21.24 -9.54 -2.60
C ARG D 219 21.91 -10.10 -1.34
N ASP D 220 21.30 -11.10 -0.72
CA ASP D 220 21.87 -11.63 0.53
C ASP D 220 22.03 -10.51 1.55
N GLY D 221 21.12 -9.54 1.54
CA GLY D 221 21.16 -8.47 2.49
C GLY D 221 22.32 -7.60 2.30
N GLU D 222 23.02 -7.75 1.20
CA GLU D 222 24.11 -6.84 0.79
C GLU D 222 23.60 -5.83 -0.24
N ASP D 223 24.11 -4.63 -0.17
CA ASP D 223 23.64 -3.59 -1.06
C ASP D 223 24.13 -3.82 -2.48
N GLN D 224 23.31 -3.50 -3.45
CA GLN D 224 23.67 -3.62 -4.86
C GLN D 224 23.78 -2.25 -5.50
N THR D 225 24.46 -1.33 -4.82
CA THR D 225 24.50 0.07 -5.24
C THR D 225 24.96 0.23 -6.69
N GLN D 226 26.11 -0.37 -7.01
CA GLN D 226 26.71 -0.26 -8.34
C GLN D 226 25.85 -0.80 -9.46
N ASP D 227 25.18 -1.93 -9.21
CA ASP D 227 24.42 -2.65 -10.24
C ASP D 227 22.94 -2.26 -10.39
N THR D 228 22.51 -1.23 -9.65
CA THR D 228 21.09 -0.85 -9.67
C THR D 228 20.81 0.32 -10.63
N GLU D 229 19.83 0.10 -11.51
CA GLU D 229 19.28 1.15 -12.36
C GLU D 229 18.17 1.84 -11.54
N LEU D 230 18.31 3.15 -11.36
CA LEU D 230 17.31 4.01 -10.72
C LEU D 230 16.71 4.90 -11.82
N VAL D 231 15.57 5.51 -11.55
CA VAL D 231 15.21 6.73 -12.25
C VAL D 231 15.00 7.77 -11.19
N GLU D 232 15.12 9.02 -11.61
CA GLU D 232 14.89 10.15 -10.72
C GLU D 232 13.41 10.19 -10.35
N THR D 233 13.15 10.57 -9.11
CA THR D 233 11.77 10.72 -8.66
C THR D 233 11.02 11.70 -9.56
N ARG D 234 9.80 11.31 -9.93
CA ARG D 234 9.04 12.05 -10.91
C ARG D 234 7.57 12.27 -10.47
N PRO D 235 6.97 13.38 -10.88
CA PRO D 235 5.59 13.65 -10.52
C PRO D 235 4.61 12.83 -11.31
N ALA D 236 3.60 12.31 -10.63
CA ALA D 236 2.54 11.57 -11.33
C ALA D 236 1.57 12.49 -12.03
N GLY D 237 1.48 13.72 -11.55
CA GLY D 237 0.56 14.74 -12.08
C GLY D 237 -0.67 14.95 -11.23
N ASP D 238 -0.80 14.18 -10.17
CA ASP D 238 -1.94 14.24 -9.23
C ASP D 238 -1.50 14.63 -7.81
N ARG D 239 -0.36 15.30 -7.70
CA ARG D 239 0.28 15.67 -6.43
C ARG D 239 0.93 14.51 -5.67
N THR D 240 1.16 13.40 -6.35
CA THR D 240 1.99 12.34 -5.80
C THR D 240 3.16 12.09 -6.73
N PHE D 241 4.02 11.23 -6.27
CA PHE D 241 5.27 10.94 -6.93
C PHE D 241 5.49 9.45 -7.19
N GLN D 242 6.47 9.18 -8.08
CA GLN D 242 6.83 7.83 -8.52
C GLN D 242 8.34 7.67 -8.54
N LYS D 243 8.79 6.45 -8.29
CA LYS D 243 10.24 6.11 -8.47
C LYS D 243 10.36 4.62 -8.66
N TRP D 244 11.40 4.18 -9.38
CA TRP D 244 11.70 2.75 -9.42
C TRP D 244 13.19 2.49 -9.40
N ALA D 245 13.53 1.27 -9.01
CA ALA D 245 14.91 0.79 -8.99
C ALA D 245 14.90 -0.64 -9.48
N ALA D 246 15.86 -0.99 -10.35
CA ALA D 246 15.88 -2.30 -10.97
C ALA D 246 17.26 -2.96 -10.94
N VAL D 247 17.23 -4.28 -10.94
CA VAL D 247 18.41 -5.11 -11.02
C VAL D 247 18.12 -6.28 -11.94
N VAL D 248 19.17 -6.73 -12.61
CA VAL D 248 19.13 -7.92 -13.45
C VAL D 248 19.64 -9.09 -12.63
N VAL D 249 18.83 -10.13 -12.48
CA VAL D 249 19.13 -11.24 -11.59
C VAL D 249 19.25 -12.53 -12.42
N PRO D 250 20.13 -13.46 -12.03
CA PRO D 250 20.12 -14.76 -12.70
C PRO D 250 18.80 -15.51 -12.46
N SER D 251 18.36 -16.29 -13.44
CA SER D 251 17.03 -16.93 -13.41
C SER D 251 16.84 -18.06 -12.40
N GLY D 252 17.85 -18.36 -11.57
CA GLY D 252 17.70 -19.36 -10.51
C GLY D 252 16.51 -19.16 -9.57
N GLU D 253 15.67 -18.17 -9.88
CA GLU D 253 14.48 -17.90 -9.08
C GLU D 253 14.90 -17.30 -7.75
N GLU D 254 15.85 -16.35 -7.81
CA GLU D 254 16.28 -15.63 -6.62
C GLU D 254 15.21 -14.72 -6.25
N GLN D 255 14.74 -14.90 -5.04
CA GLN D 255 15.17 -15.87 -4.03
C GLN D 255 16.48 -15.48 -3.34
N ARG D 256 16.97 -14.29 -3.67
CA ARG D 256 18.16 -13.73 -3.06
C ARG D 256 18.00 -12.22 -2.94
N TYR D 257 17.17 -11.65 -3.80
CA TYR D 257 16.95 -10.21 -3.80
C TYR D 257 15.81 -9.57 -3.05
N THR D 258 16.12 -8.50 -2.34
CA THR D 258 15.09 -7.75 -1.60
C THR D 258 15.17 -6.27 -1.93
N CYS D 259 14.01 -5.62 -2.03
CA CYS D 259 13.95 -4.18 -2.24
C CYS D 259 13.62 -3.51 -0.90
N HIS D 260 14.24 -2.36 -0.67
CA HIS D 260 14.16 -1.64 0.62
C HIS D 260 13.71 -0.20 0.39
N VAL D 261 12.68 0.23 1.12
CA VAL D 261 12.02 1.53 0.87
C VAL D 261 12.03 2.34 2.16
N GLN D 262 12.47 3.57 2.12
CA GLN D 262 12.35 4.47 3.27
C GLN D 262 11.50 5.67 2.84
N HIS D 263 10.49 6.01 3.63
CA HIS D 263 9.62 7.14 3.29
C HIS D 263 8.95 7.61 4.56
N GLU D 264 8.74 8.90 4.68
CA GLU D 264 8.18 9.50 5.92
C GLU D 264 6.81 8.92 6.28
N GLY D 265 6.04 8.46 5.30
CA GLY D 265 4.73 7.88 5.49
C GLY D 265 4.75 6.50 6.09
N LEU D 266 5.90 5.85 6.06
CA LEU D 266 6.10 4.51 6.62
C LEU D 266 6.61 4.60 8.05
N PRO D 267 6.02 3.84 8.99
CA PRO D 267 6.51 3.91 10.37
C PRO D 267 7.96 3.44 10.53
N LYS D 268 8.36 2.49 9.70
CA LYS D 268 9.71 1.91 9.72
C LYS D 268 10.12 1.61 8.28
N PRO D 269 11.43 1.39 8.04
CA PRO D 269 11.85 0.95 6.71
C PRO D 269 11.14 -0.32 6.25
N LEU D 270 10.74 -0.33 4.99
CA LEU D 270 10.02 -1.45 4.41
C LEU D 270 10.93 -2.30 3.49
N THR D 271 10.72 -3.62 3.54
CA THR D 271 11.40 -4.58 2.65
C THR D 271 10.38 -5.33 1.84
N LEU D 272 10.68 -5.61 0.57
CA LEU D 272 9.78 -6.44 -0.25
C LEU D 272 10.54 -7.22 -1.30
N ARG D 273 9.85 -8.17 -1.93
CA ARG D 273 10.41 -9.17 -2.87
C ARG D 273 9.46 -9.40 -4.03
N TRP D 274 9.93 -10.11 -5.06
CA TRP D 274 9.06 -10.46 -6.18
C TRP D 274 8.01 -11.52 -5.81
N MET E 1 28.31 32.09 -18.51
CA MET E 1 26.98 31.58 -18.93
C MET E 1 26.96 30.06 -18.89
N ILE E 2 26.21 29.52 -17.94
CA ILE E 2 26.10 28.07 -17.80
C ILE E 2 24.84 27.65 -18.57
N GLN E 3 24.97 26.58 -19.37
CA GLN E 3 23.80 26.00 -20.06
C GLN E 3 23.78 24.51 -19.77
N ARG E 4 22.58 23.98 -19.54
CA ARG E 4 22.42 22.58 -19.14
C ARG E 4 21.32 21.96 -19.98
N THR E 5 21.59 20.76 -20.49
CA THR E 5 20.72 20.08 -21.40
C THR E 5 19.58 19.39 -20.62
N PRO E 6 18.38 19.37 -21.20
CA PRO E 6 17.27 18.74 -20.49
C PRO E 6 17.40 17.22 -20.37
N LYS E 7 17.02 16.73 -19.20
CA LYS E 7 16.75 15.31 -18.99
C LYS E 7 15.28 15.10 -19.20
N ILE E 8 14.91 13.92 -19.65
CA ILE E 8 13.55 13.64 -20.09
C ILE E 8 13.10 12.28 -19.56
N GLN E 9 11.92 12.23 -18.93
CA GLN E 9 11.23 10.94 -18.67
C GLN E 9 9.85 11.02 -19.26
N VAL E 10 9.42 9.92 -19.90
CA VAL E 10 8.06 9.86 -20.47
C VAL E 10 7.44 8.60 -19.88
N TYR E 11 6.25 8.75 -19.33
CA TYR E 11 5.66 7.74 -18.46
C TYR E 11 4.20 8.05 -18.23
N SER E 12 3.47 7.04 -17.80
CA SER E 12 2.04 7.17 -17.52
C SER E 12 1.78 7.42 -16.04
N ARG E 13 0.69 8.13 -15.73
CA ARG E 13 0.36 8.44 -14.34
C ARG E 13 0.12 7.14 -13.55
N HIS E 14 -0.61 6.22 -14.20
CA HIS E 14 -0.92 4.90 -13.63
C HIS E 14 -0.35 3.83 -14.51
N PRO E 15 -0.08 2.64 -13.95
CA PRO E 15 0.41 1.54 -14.74
C PRO E 15 -0.54 1.32 -15.90
N ALA E 16 0.00 1.18 -17.10
CA ALA E 16 -0.78 1.07 -18.32
C ALA E 16 -1.55 -0.26 -18.36
N GLU E 17 -2.79 -0.16 -18.78
CA GLU E 17 -3.61 -1.34 -19.08
C GLU E 17 -4.28 -1.00 -20.37
N ASN E 18 -4.07 -1.83 -21.39
CA ASN E 18 -4.65 -1.52 -22.68
C ASN E 18 -6.16 -1.31 -22.58
N GLY E 19 -6.64 -0.29 -23.28
CA GLY E 19 -8.05 0.05 -23.29
C GLY E 19 -8.52 0.93 -22.13
N LYS E 20 -7.67 1.18 -21.14
CA LYS E 20 -8.09 1.93 -19.96
C LYS E 20 -7.50 3.33 -19.97
N SER E 21 -8.35 4.33 -19.79
CA SER E 21 -7.93 5.73 -19.82
C SER E 21 -6.88 6.01 -18.75
N ASN E 22 -6.00 6.98 -19.03
CA ASN E 22 -4.78 7.22 -18.27
C ASN E 22 -4.31 8.63 -18.63
N PHE E 23 -3.10 8.97 -18.20
CA PHE E 23 -2.49 10.24 -18.48
C PHE E 23 -1.06 9.95 -18.85
N LEU E 24 -0.65 10.60 -19.90
CA LEU E 24 0.70 10.51 -20.42
C LEU E 24 1.47 11.77 -20.01
N ASN E 25 2.64 11.55 -19.41
CA ASN E 25 3.48 12.57 -18.85
C ASN E 25 4.81 12.63 -19.53
N CYS E 26 5.32 13.85 -19.70
CA CYS E 26 6.69 14.06 -20.07
C CYS E 26 7.28 15.05 -19.08
N TYR E 27 8.18 14.58 -18.25
CA TYR E 27 8.81 15.36 -17.22
C TYR E 27 10.17 15.80 -17.73
N VAL E 28 10.39 17.09 -17.88
CA VAL E 28 11.66 17.62 -18.38
C VAL E 28 12.32 18.40 -17.26
N SER E 29 13.61 18.10 -16.99
CA SER E 29 14.27 18.70 -15.86
C SER E 29 15.74 18.90 -16.17
N GLY E 30 16.42 19.58 -15.27
CA GLY E 30 17.84 19.71 -15.39
C GLY E 30 18.34 20.74 -16.37
N PHE E 31 17.45 21.59 -16.92
CA PHE E 31 17.83 22.43 -18.04
C PHE E 31 18.03 23.86 -17.65
N HIS E 32 18.80 24.58 -18.44
CA HIS E 32 19.05 26.01 -18.27
C HIS E 32 19.59 26.54 -19.59
N PRO E 33 19.10 27.67 -20.10
CA PRO E 33 18.04 28.54 -19.57
C PRO E 33 16.65 27.96 -19.74
N SER E 34 15.63 28.74 -19.42
CA SER E 34 14.31 28.22 -19.18
C SER E 34 13.43 27.97 -20.40
N ASP E 35 13.67 28.63 -21.52
CA ASP E 35 12.81 28.43 -22.66
C ASP E 35 13.04 27.02 -23.19
N ILE E 36 11.93 26.35 -23.48
CA ILE E 36 11.95 24.95 -23.96
C ILE E 36 10.69 24.68 -24.74
N GLU E 37 10.77 23.72 -25.66
CA GLU E 37 9.65 23.33 -26.46
C GLU E 37 9.49 21.84 -26.31
N VAL E 38 8.30 21.42 -25.90
CA VAL E 38 7.99 20.02 -25.65
C VAL E 38 6.68 19.64 -26.31
N ASP E 39 6.71 18.49 -26.98
CA ASP E 39 5.53 17.89 -27.58
C ASP E 39 5.40 16.46 -27.15
N LEU E 40 4.17 16.03 -27.00
CA LEU E 40 3.87 14.62 -26.91
C LEU E 40 3.40 14.15 -28.28
N LEU E 41 3.81 12.93 -28.65
CA LEU E 41 3.53 12.41 -30.00
C LEU E 41 2.78 11.11 -29.86
N LYS E 42 1.84 10.90 -30.79
CA LYS E 42 1.12 9.63 -30.94
C LYS E 42 1.43 9.17 -32.35
N ASN E 43 2.04 8.01 -32.45
CA ASN E 43 2.55 7.51 -33.74
C ASN E 43 3.24 8.58 -34.59
N GLY E 44 4.16 9.31 -33.96
CA GLY E 44 4.96 10.30 -34.67
C GLY E 44 4.34 11.67 -34.81
N GLU E 45 3.04 11.77 -34.52
CA GLU E 45 2.27 12.99 -34.78
C GLU E 45 2.00 13.75 -33.49
N ARG E 46 2.10 15.07 -33.56
CA ARG E 46 1.93 15.92 -32.40
C ARG E 46 0.51 15.82 -31.84
N ILE E 47 0.40 15.52 -30.55
CA ILE E 47 -0.88 15.50 -29.87
C ILE E 47 -1.29 16.90 -29.57
N GLU E 48 -2.55 17.21 -29.88
CA GLU E 48 -3.04 18.59 -29.77
C GLU E 48 -3.23 19.13 -28.36
N LYS E 49 -4.01 18.42 -27.57
CA LYS E 49 -4.44 18.92 -26.29
C LYS E 49 -3.35 18.50 -25.28
N VAL E 50 -2.35 19.36 -25.08
CA VAL E 50 -1.24 19.07 -24.11
C VAL E 50 -1.09 20.29 -23.23
N GLU E 51 -1.05 20.04 -21.93
CA GLU E 51 -0.94 21.09 -20.92
C GLU E 51 0.38 20.92 -20.19
N HIS E 52 0.82 21.98 -19.51
CA HIS E 52 2.03 21.89 -18.71
C HIS E 52 1.95 22.68 -17.41
N SER E 53 2.82 22.28 -16.49
CA SER E 53 3.00 22.96 -15.22
C SER E 53 3.67 24.31 -15.33
N ASP E 54 3.63 25.06 -14.25
CA ASP E 54 4.29 26.31 -14.15
C ASP E 54 5.78 26.13 -13.87
N LEU E 55 6.60 26.93 -14.51
CA LEU E 55 8.05 26.82 -14.41
C LEU E 55 8.55 26.90 -12.96
N SER E 56 9.37 25.94 -12.55
CA SER E 56 10.01 25.97 -11.25
C SER E 56 11.41 25.52 -11.46
N PHE E 57 12.18 25.44 -10.39
CA PHE E 57 13.53 24.97 -10.47
C PHE E 57 14.01 24.30 -9.20
N SER E 58 15.12 23.59 -9.35
CA SER E 58 15.71 22.74 -8.34
C SER E 58 16.76 23.50 -7.54
N LYS E 59 17.31 22.82 -6.54
CA LYS E 59 18.33 23.40 -5.70
C LYS E 59 19.53 23.90 -6.50
N ASP E 60 19.86 23.20 -7.58
CA ASP E 60 20.99 23.55 -8.43
C ASP E 60 20.69 24.62 -9.49
N TRP E 61 19.49 25.20 -9.39
CA TRP E 61 18.99 26.29 -10.26
C TRP E 61 18.44 25.80 -11.59
N SER E 62 18.56 24.51 -11.89
CA SER E 62 18.03 24.03 -13.15
C SER E 62 16.52 23.86 -13.11
N PHE E 63 15.90 24.13 -14.25
CA PHE E 63 14.46 24.19 -14.37
C PHE E 63 13.83 22.81 -14.58
N TYR E 64 12.54 22.74 -14.28
CA TYR E 64 11.75 21.59 -14.61
C TYR E 64 10.32 21.93 -14.89
N LEU E 65 9.70 21.09 -15.70
CA LEU E 65 8.31 21.24 -16.14
C LEU E 65 7.72 19.85 -16.35
N LEU E 66 6.41 19.73 -16.15
CA LEU E 66 5.68 18.55 -16.54
C LEU E 66 4.72 18.87 -17.62
N TYR E 67 4.78 18.12 -18.71
CA TYR E 67 3.80 18.22 -19.82
C TYR E 67 2.93 16.97 -19.73
N TYR E 68 1.63 17.11 -19.99
CA TYR E 68 0.71 16.00 -19.78
C TYR E 68 -0.56 16.08 -20.64
N THR E 69 -1.15 14.92 -20.91
CA THR E 69 -2.45 14.83 -21.61
C THR E 69 -3.11 13.51 -21.29
N GLU E 70 -4.43 13.41 -21.49
CA GLU E 70 -5.12 12.15 -21.37
C GLU E 70 -4.68 11.21 -22.49
N PHE E 71 -4.62 9.93 -22.20
CA PHE E 71 -4.46 8.94 -23.27
C PHE E 71 -5.01 7.61 -22.82
N THR E 72 -5.37 6.81 -23.82
CA THR E 72 -5.81 5.45 -23.62
C THR E 72 -4.86 4.52 -24.39
N PRO E 73 -3.89 3.90 -23.69
CA PRO E 73 -2.88 3.11 -24.39
C PRO E 73 -3.49 1.85 -25.01
N THR E 74 -2.89 1.43 -26.11
CA THR E 74 -3.23 0.18 -26.78
C THR E 74 -1.95 -0.61 -26.95
N GLU E 75 -2.04 -1.86 -27.42
CA GLU E 75 -0.81 -2.61 -27.59
C GLU E 75 0.06 -2.01 -28.70
N LYS E 76 -0.57 -1.46 -29.73
CA LYS E 76 0.14 -1.02 -30.92
C LYS E 76 0.46 0.47 -31.03
N ASP E 77 -0.30 1.35 -30.37
CA ASP E 77 -0.01 2.78 -30.52
C ASP E 77 1.33 3.14 -29.84
N GLU E 78 2.12 3.97 -30.52
CA GLU E 78 3.45 4.35 -30.05
C GLU E 78 3.30 5.78 -29.54
N TYR E 79 3.77 6.04 -28.34
CA TYR E 79 3.80 7.40 -27.83
C TYR E 79 5.22 7.81 -27.53
N ALA E 80 5.47 9.11 -27.54
CA ALA E 80 6.80 9.66 -27.33
C ALA E 80 6.73 11.11 -26.89
N CYS E 81 7.86 11.64 -26.47
CA CYS E 81 8.02 13.03 -26.07
C CYS E 81 9.14 13.58 -26.93
N ARG E 82 8.94 14.77 -27.51
CA ARG E 82 9.97 15.43 -28.31
C ARG E 82 10.30 16.77 -27.68
N VAL E 83 11.59 17.01 -27.46
CA VAL E 83 12.06 18.22 -26.78
C VAL E 83 13.06 18.97 -27.61
N ASN E 84 12.90 20.29 -27.66
CA ASN E 84 13.94 21.15 -28.18
C ASN E 84 14.29 22.23 -27.18
N HIS E 85 15.55 22.60 -27.23
CA HIS E 85 16.15 23.52 -26.27
C HIS E 85 17.42 24.05 -26.93
N VAL E 86 17.86 25.24 -26.51
CA VAL E 86 19.03 25.85 -27.12
C VAL E 86 20.31 24.98 -27.02
N THR E 87 20.39 24.10 -26.02
CA THR E 87 21.54 23.20 -25.83
C THR E 87 21.53 22.02 -26.78
N LEU E 88 20.42 21.80 -27.47
CA LEU E 88 20.28 20.66 -28.39
C LEU E 88 20.58 21.14 -29.81
N SER E 89 21.19 20.30 -30.65
CA SER E 89 21.36 20.71 -32.06
C SER E 89 20.11 20.51 -32.88
N GLN E 90 19.22 19.64 -32.40
CA GLN E 90 17.97 19.33 -33.03
C GLN E 90 17.06 18.70 -31.97
N PRO E 91 15.74 18.68 -32.22
CA PRO E 91 14.84 18.07 -31.24
C PRO E 91 15.21 16.63 -30.87
N LYS E 92 14.97 16.27 -29.62
CA LYS E 92 15.28 14.97 -29.08
C LYS E 92 14.00 14.20 -28.77
N ILE E 93 13.99 12.92 -29.13
CA ILE E 93 12.81 12.07 -28.95
C ILE E 93 13.08 10.93 -27.97
N VAL E 94 12.22 10.80 -26.95
CA VAL E 94 12.22 9.70 -26.02
C VAL E 94 10.89 8.98 -26.19
N LYS E 95 10.97 7.68 -26.46
CA LYS E 95 9.79 6.84 -26.64
C LYS E 95 9.26 6.33 -25.33
N TRP E 96 7.94 6.29 -25.22
CA TRP E 96 7.27 5.75 -24.03
C TRP E 96 7.39 4.23 -24.00
N ASP E 97 7.86 3.70 -22.87
CA ASP E 97 7.85 2.28 -22.57
C ASP E 97 7.03 2.11 -21.28
N ARG E 98 5.94 1.35 -21.34
CA ARG E 98 5.03 1.20 -20.22
C ARG E 98 5.66 0.52 -18.99
N ASP E 99 6.79 -0.14 -19.20
CA ASP E 99 7.51 -0.79 -18.10
C ASP E 99 8.52 0.12 -17.40
N MET E 100 8.61 1.39 -17.81
CA MET E 100 9.65 2.26 -17.27
C MET E 100 9.17 3.61 -16.76
N PHE F 1 2.60 33.18 1.12
CA PHE F 1 2.58 34.63 1.45
C PHE F 1 3.99 35.19 1.20
N THR F 2 4.12 36.04 0.18
CA THR F 2 5.45 36.51 -0.28
C THR F 2 6.08 37.55 0.60
N MET F 3 7.40 37.65 0.51
CA MET F 3 8.18 38.73 1.03
C MET F 3 7.90 39.99 0.21
N ARG F 4 8.11 41.14 0.82
CA ARG F 4 7.86 42.41 0.16
C ARG F 4 9.00 43.39 0.35
N LEU F 5 8.94 44.47 -0.43
CA LEU F 5 9.84 45.61 -0.30
C LEU F 5 11.31 45.25 -0.49
N LEU F 6 11.56 44.28 -1.36
CA LEU F 6 12.93 43.89 -1.67
C LEU F 6 13.63 44.93 -2.54
N SER F 7 14.91 45.10 -2.29
CA SER F 7 15.78 45.98 -3.09
C SER F 7 16.21 45.24 -4.35
N PRO F 8 16.44 45.99 -5.44
CA PRO F 8 17.13 45.31 -6.55
C PRO F 8 18.52 44.92 -6.17
N VAL F 9 19.09 43.97 -6.91
CA VAL F 9 20.54 43.71 -6.73
C VAL F 9 21.40 44.91 -7.07
NA NA G . 3.50 -0.79 9.36
NA NA H . 4.41 -42.91 12.41
NA NA I . -18.67 -25.51 19.72
NA NA J . 24.45 40.48 -22.78
NA NA K . 26.58 36.02 -16.71
NA NA L . 15.99 20.25 -5.56
#